data_4X7P
#
_entry.id   4X7P
#
_cell.length_a   208.599
_cell.length_b   208.599
_cell.length_c   120.751
_cell.angle_alpha   90.000
_cell.angle_beta   90.000
_cell.angle_gamma   120.000
#
_symmetry.space_group_name_H-M   'P 63'
#
loop_
_entity.id
_entity.type
_entity.pdbx_description
1 polymer TarM
2 non-polymer 'SULFATE ION'
#
_entity_poly.entity_id   1
_entity_poly.type   'polypeptide(L)'
_entity_poly.pdbx_seq_one_letter_code
;MKKIFMMVHELDVNKGGMTSSMFNRSKEFYDADIPADIVTFDYKGNYDEIIKALKKQGKMDRRTKMYNVFEYFKQISNNK
HFKSNKLLYKHISERLKNTIEIEESKGISRYFDITTGTYIAYIRKSKSEKVIDFFKDNKRIERFSFIDNKVHMKETFNVD
NKVCYQVFYDEKGYPYISRNINANNGAVGKTYVLVNKKEFKNNLALCVYYLEKLIKDSKDSIMICDGPGSFPKMFNTNHK
NAQKYGVIHVNHHENFDDTGAFKKSEKYIIENANKINGVIVLTEAQRLDILNQFDVENIFTISNFVKIHNAPKHFQTEKI
VGHISRMVPTKRIDLLIEVAELVVKKDNAVKFHIYGEGSVKDKIAKMIEDKNLERNVFLKGYTTTPQKCLEDFKLVVSTS
QYEGQGLSMIEAMISKRPVVAFDIKYGPSDFIEDNKNGYLIENHNINDMADKILQLVNNDVLAAEFGSKARENIIEKYST
ESILEKWLNLFNS
;
_entity_poly.pdbx_strand_id   A,B
#
loop_
_chem_comp.id
_chem_comp.type
_chem_comp.name
_chem_comp.formula
SO4 non-polymer 'SULFATE ION' 'O4 S -2'
#
# COMPACT_ATOMS: atom_id res chain seq x y z
N MET A 1 23.00 7.22 -2.69
CA MET A 1 22.06 6.10 -2.80
C MET A 1 21.83 5.35 -1.45
N LYS A 2 22.50 5.80 -0.36
CA LYS A 2 22.37 5.26 1.01
C LYS A 2 20.98 5.52 1.52
N LYS A 3 20.43 4.58 2.31
CA LYS A 3 19.09 4.69 2.89
C LYS A 3 19.08 4.10 4.28
N ILE A 4 18.74 4.95 5.25
CA ILE A 4 18.68 4.59 6.68
C ILE A 4 17.27 4.17 7.13
N PHE A 5 17.24 3.19 8.07
CA PHE A 5 16.05 2.66 8.69
C PHE A 5 16.27 2.66 10.18
N MET A 6 15.54 3.51 10.87
CA MET A 6 15.66 3.66 12.31
C MET A 6 14.58 2.89 13.03
N MET A 7 15.01 2.02 13.95
CA MET A 7 14.07 1.16 14.65
C MET A 7 13.75 1.48 16.06
N VAL A 8 12.46 1.45 16.32
CA VAL A 8 11.83 1.67 17.61
C VAL A 8 10.51 0.92 17.54
N HIS A 9 10.11 0.31 18.66
CA HIS A 9 8.89 -0.45 18.67
C HIS A 9 7.65 0.35 18.27
N GLU A 10 7.41 1.52 18.88
CA GLU A 10 6.26 2.33 18.53
C GLU A 10 6.52 3.82 18.47
N LEU A 11 5.58 4.55 17.82
CA LEU A 11 5.59 6.01 17.75
C LEU A 11 4.26 6.57 18.26
N ASP A 12 4.33 7.67 19.03
CA ASP A 12 3.13 8.34 19.57
C ASP A 12 3.36 9.83 19.87
N VAL A 13 2.26 10.58 19.92
CA VAL A 13 2.25 12.02 20.18
C VAL A 13 2.71 12.38 21.60
N ASN A 14 2.41 11.52 22.57
CA ASN A 14 2.82 11.71 23.95
C ASN A 14 4.31 11.39 24.09
N LYS A 15 4.73 10.20 23.59
CA LYS A 15 6.09 9.61 23.60
C LYS A 15 7.17 10.64 23.35
N GLY A 16 8.24 10.55 24.13
CA GLY A 16 9.35 11.48 23.99
C GLY A 16 10.72 10.87 24.18
N GLY A 17 11.67 11.77 24.45
CA GLY A 17 13.07 11.45 24.67
C GLY A 17 13.77 10.95 23.44
N MET A 18 13.87 9.62 23.32
CA MET A 18 14.53 8.94 22.21
C MET A 18 13.89 9.31 20.87
N THR A 19 12.55 9.26 20.79
CA THR A 19 11.83 9.58 19.56
C THR A 19 12.21 10.96 19.05
N SER A 20 12.30 11.95 19.96
CA SER A 20 12.66 13.33 19.65
C SER A 20 13.98 13.37 18.91
N SER A 21 14.98 12.65 19.44
CA SER A 21 16.32 12.52 18.87
C SER A 21 16.22 11.90 17.48
N MET A 22 15.58 10.72 17.38
CA MET A 22 15.36 9.98 16.12
C MET A 22 14.75 10.88 15.07
N PHE A 23 13.72 11.67 15.46
CA PHE A 23 13.01 12.58 14.57
C PHE A 23 13.92 13.61 13.99
N ASN A 24 14.81 14.17 14.86
CA ASN A 24 15.78 15.20 14.49
C ASN A 24 16.95 14.60 13.68
N ARG A 25 17.38 13.37 14.05
CA ARG A 25 18.43 12.65 13.36
C ARG A 25 17.98 12.37 11.93
N SER A 26 16.68 12.12 11.75
CA SER A 26 16.06 11.90 10.45
C SER A 26 16.10 13.18 9.61
N LYS A 27 15.84 14.37 10.24
CA LYS A 27 15.87 15.65 9.54
C LYS A 27 17.27 15.86 8.96
N GLU A 28 18.29 15.75 9.83
CA GLU A 28 19.69 15.93 9.47
C GLU A 28 20.13 15.02 8.33
N PHE A 29 19.75 13.73 8.38
CA PHE A 29 20.11 12.81 7.32
C PHE A 29 19.36 13.12 6.03
N TYR A 30 18.11 13.55 6.13
CA TYR A 30 17.32 13.91 4.96
C TYR A 30 17.91 15.18 4.31
N ASP A 31 18.39 16.11 5.16
CA ASP A 31 19.05 17.35 4.77
C ASP A 31 20.38 17.04 4.07
N ALA A 32 21.07 15.99 4.55
CA ALA A 32 22.33 15.48 4.00
C ALA A 32 22.08 14.54 2.82
N ASP A 33 20.82 14.46 2.35
CA ASP A 33 20.37 13.64 1.23
C ASP A 33 20.45 12.13 1.40
N ILE A 34 20.31 11.67 2.63
CA ILE A 34 20.26 10.24 2.96
C ILE A 34 18.88 10.07 3.60
N PRO A 35 17.86 9.51 2.89
CA PRO A 35 16.55 9.35 3.53
C PRO A 35 16.64 8.43 4.75
N ALA A 36 16.31 8.99 5.93
CA ALA A 36 16.35 8.25 7.17
C ALA A 36 14.92 8.10 7.67
N ASP A 37 14.35 6.88 7.55
CA ASP A 37 12.97 6.62 7.93
C ASP A 37 12.85 5.79 9.19
N ILE A 38 11.67 5.86 9.86
CA ILE A 38 11.43 5.12 11.11
C ILE A 38 10.66 3.84 10.85
N VAL A 39 11.09 2.73 11.45
CA VAL A 39 10.37 1.45 11.34
C VAL A 39 9.79 1.12 12.73
N THR A 40 8.43 0.98 12.85
CA THR A 40 7.77 0.57 14.11
C THR A 40 7.25 -0.88 14.03
N PHE A 41 7.05 -1.52 15.19
CA PHE A 41 6.55 -2.91 15.24
C PHE A 41 5.32 -3.09 16.12
N ASP A 42 4.39 -2.14 16.09
CA ASP A 42 3.19 -2.23 16.90
C ASP A 42 1.85 -2.02 16.10
N TYR A 43 0.69 -2.54 16.66
CA TYR A 43 -0.60 -2.26 15.99
C TYR A 43 -1.23 -0.95 16.54
N LYS A 44 -1.68 -0.08 15.63
CA LYS A 44 -2.44 1.13 15.99
C LYS A 44 -3.41 1.35 14.86
N GLY A 45 -4.71 1.24 15.15
CA GLY A 45 -5.73 1.41 14.13
C GLY A 45 -5.73 2.81 13.51
N ASN A 46 -5.18 3.80 14.27
CA ASN A 46 -5.18 5.23 13.91
C ASN A 46 -3.77 5.79 13.70
N TYR A 47 -2.79 4.94 13.31
CA TYR A 47 -1.40 5.39 13.09
C TYR A 47 -1.29 6.62 12.19
N ASP A 48 -2.12 6.70 11.14
CA ASP A 48 -2.23 7.80 10.20
C ASP A 48 -2.50 9.09 10.98
N GLU A 49 -3.56 9.09 11.81
CA GLU A 49 -3.94 10.20 12.68
C GLU A 49 -2.77 10.62 13.59
N ILE A 50 -2.01 9.63 14.16
CA ILE A 50 -0.85 9.89 15.04
C ILE A 50 0.22 10.60 14.27
N ILE A 51 0.71 10.00 13.16
CA ILE A 51 1.76 10.57 12.32
C ILE A 51 1.36 11.96 11.82
N LYS A 52 0.13 12.07 11.26
CA LYS A 52 -0.44 13.34 10.77
C LYS A 52 -0.30 14.43 11.83
N ALA A 53 -0.64 14.10 13.10
CA ALA A 53 -0.55 15.00 14.25
C ALA A 53 0.88 15.31 14.64
N LEU A 54 1.77 14.29 14.66
CA LEU A 54 3.20 14.44 15.00
C LEU A 54 3.85 15.43 14.07
N LYS A 55 3.52 15.33 12.77
CA LYS A 55 4.05 16.19 11.73
C LYS A 55 3.42 17.59 11.78
N LYS A 56 2.11 17.68 12.17
CA LYS A 56 1.43 18.97 12.28
C LYS A 56 2.04 19.74 13.44
N GLN A 57 2.23 19.08 14.59
CA GLN A 57 2.85 19.65 15.80
C GLN A 57 4.32 20.00 15.61
N GLY A 58 4.89 19.59 14.48
CA GLY A 58 6.28 19.84 14.10
C GLY A 58 7.28 19.01 14.89
N LYS A 59 6.82 17.94 15.56
CA LYS A 59 7.68 17.05 16.34
C LYS A 59 8.45 16.13 15.39
N MET A 60 7.79 15.70 14.31
CA MET A 60 8.32 14.80 13.30
C MET A 60 8.42 15.56 11.98
N ASP A 61 9.54 15.36 11.25
CA ASP A 61 9.76 16.01 9.95
C ASP A 61 8.76 15.52 8.89
N ARG A 62 8.33 16.42 7.99
CA ARG A 62 7.40 16.07 6.91
C ARG A 62 7.95 14.95 6.01
N ARG A 63 9.27 14.94 5.76
CA ARG A 63 9.93 13.96 4.91
C ARG A 63 10.02 12.58 5.51
N THR A 64 10.24 12.49 6.85
CA THR A 64 10.37 11.24 7.60
C THR A 64 9.14 10.37 7.32
N LYS A 65 9.38 9.10 6.97
CA LYS A 65 8.33 8.11 6.74
C LYS A 65 8.35 7.16 7.92
N MET A 66 7.20 6.53 8.19
CA MET A 66 7.14 5.52 9.21
C MET A 66 6.64 4.19 8.65
N TYR A 67 7.55 3.22 8.62
CA TYR A 67 7.28 1.88 8.17
C TYR A 67 6.75 1.05 9.33
N ASN A 68 5.64 0.35 9.11
CA ASN A 68 5.09 -0.48 10.18
C ASN A 68 4.66 -1.87 9.69
N VAL A 69 5.18 -2.90 10.37
CA VAL A 69 4.96 -4.32 10.08
C VAL A 69 3.50 -4.67 9.75
N PHE A 70 2.56 -4.24 10.61
CA PHE A 70 1.14 -4.53 10.43
C PHE A 70 0.54 -3.78 9.28
N GLU A 71 1.04 -2.56 9.01
CA GLU A 71 0.55 -1.77 7.89
C GLU A 71 1.01 -2.43 6.58
N TYR A 72 2.22 -3.03 6.64
CA TYR A 72 2.83 -3.67 5.49
C TYR A 72 1.95 -4.76 4.92
N PHE A 73 1.37 -5.58 5.80
CA PHE A 73 0.53 -6.67 5.35
C PHE A 73 -0.82 -6.17 5.04
N LYS A 74 -1.26 -5.15 5.80
CA LYS A 74 -2.56 -4.55 5.55
C LYS A 74 -2.59 -4.06 4.10
N GLN A 75 -1.48 -3.48 3.62
CA GLN A 75 -1.48 -3.03 2.23
C GLN A 75 -1.58 -4.17 1.23
N ILE A 76 -0.91 -5.30 1.50
CA ILE A 76 -0.97 -6.48 0.63
C ILE A 76 -2.44 -6.96 0.53
N SER A 77 -3.16 -6.99 1.67
CA SER A 77 -4.55 -7.41 1.77
C SER A 77 -5.46 -6.43 1.05
N ASN A 78 -5.13 -5.12 1.08
CA ASN A 78 -5.93 -4.08 0.46
C ASN A 78 -5.92 -4.27 -1.02
N ASN A 79 -4.72 -4.60 -1.54
CA ASN A 79 -4.47 -4.80 -2.96
C ASN A 79 -5.06 -6.11 -3.46
N LYS A 80 -5.17 -7.09 -2.56
CA LYS A 80 -5.70 -8.40 -2.88
C LYS A 80 -7.21 -8.46 -3.06
N HIS A 81 -7.97 -7.68 -2.30
CA HIS A 81 -9.43 -7.71 -2.43
C HIS A 81 -10.01 -6.53 -3.21
N PHE A 82 -11.23 -6.67 -3.78
CA PHE A 82 -11.86 -5.62 -4.57
C PHE A 82 -13.19 -5.11 -4.07
N LYS A 83 -14.02 -5.98 -3.45
CA LYS A 83 -15.33 -5.62 -2.87
C LYS A 83 -15.19 -5.63 -1.38
N SER A 84 -16.04 -4.89 -0.66
CA SER A 84 -16.00 -4.86 0.80
C SER A 84 -16.40 -6.22 1.36
N ASN A 85 -15.86 -6.59 2.54
CA ASN A 85 -16.16 -7.82 3.26
C ASN A 85 -17.55 -7.66 3.90
N LYS A 86 -18.58 -7.73 3.04
CA LYS A 86 -19.97 -7.52 3.40
C LYS A 86 -20.44 -8.54 4.42
N LEU A 87 -19.92 -9.78 4.29
CA LEU A 87 -20.28 -10.88 5.18
C LEU A 87 -19.94 -10.64 6.63
N LEU A 88 -18.85 -9.88 6.89
CA LEU A 88 -18.45 -9.58 8.27
C LEU A 88 -19.44 -8.63 8.92
N TYR A 89 -19.76 -7.53 8.24
CA TYR A 89 -20.70 -6.52 8.73
C TYR A 89 -22.09 -7.10 8.87
N LYS A 90 -22.41 -8.12 8.03
CA LYS A 90 -23.67 -8.84 8.08
C LYS A 90 -23.72 -9.69 9.36
N HIS A 91 -22.60 -10.39 9.67
CA HIS A 91 -22.41 -11.22 10.86
C HIS A 91 -22.65 -10.38 12.12
N ILE A 92 -22.00 -9.19 12.19
CA ILE A 92 -22.10 -8.27 13.32
C ILE A 92 -23.54 -7.81 13.49
N SER A 93 -24.17 -7.36 12.40
CA SER A 93 -25.55 -6.86 12.45
C SER A 93 -26.58 -7.93 12.78
N GLU A 94 -26.33 -9.18 12.31
CA GLU A 94 -27.22 -10.32 12.57
C GLU A 94 -27.24 -10.63 14.05
N ARG A 95 -26.09 -10.45 14.74
CA ARG A 95 -25.92 -10.70 16.19
C ARG A 95 -26.82 -9.79 16.99
N LEU A 96 -26.99 -8.54 16.51
CA LEU A 96 -27.79 -7.50 17.13
C LEU A 96 -29.25 -7.51 16.64
N LYS A 97 -29.74 -8.64 16.09
CA LYS A 97 -31.06 -8.77 15.50
C LYS A 97 -32.27 -8.46 16.37
N ASN A 98 -32.98 -9.45 16.95
CA ASN A 98 -34.17 -9.10 17.74
C ASN A 98 -33.77 -8.68 19.16
N THR A 99 -33.36 -7.42 19.28
CA THR A 99 -32.83 -6.87 20.53
C THR A 99 -33.55 -5.62 20.90
N ILE A 100 -33.46 -5.25 22.20
CA ILE A 100 -34.02 -4.02 22.76
C ILE A 100 -32.83 -3.18 23.25
N GLU A 101 -32.87 -1.86 23.01
CA GLU A 101 -31.78 -0.95 23.35
C GLU A 101 -32.02 -0.22 24.64
N ILE A 102 -31.08 -0.31 25.58
CA ILE A 102 -31.16 0.39 26.83
C ILE A 102 -29.98 1.37 26.93
N GLU A 103 -30.26 2.66 26.63
CA GLU A 103 -29.28 3.75 26.68
C GLU A 103 -28.83 4.02 28.11
N GLU A 104 -27.53 4.17 28.31
CA GLU A 104 -26.98 4.45 29.63
C GLU A 104 -26.53 5.92 29.65
N SER A 105 -25.77 6.32 28.63
CA SER A 105 -25.23 7.66 28.47
C SER A 105 -25.54 8.10 27.04
N LYS A 106 -24.70 8.98 26.45
CA LYS A 106 -24.91 9.46 25.08
C LYS A 106 -24.59 8.33 24.10
N GLY A 107 -23.30 8.01 23.97
CA GLY A 107 -22.79 6.98 23.07
C GLY A 107 -23.10 5.57 23.53
N ILE A 108 -23.01 5.35 24.85
CA ILE A 108 -23.24 4.09 25.54
C ILE A 108 -24.72 3.62 25.48
N SER A 109 -24.93 2.40 24.95
CA SER A 109 -26.22 1.70 24.81
C SER A 109 -25.98 0.20 24.95
N ARG A 110 -26.97 -0.50 25.51
CA ARG A 110 -26.89 -1.95 25.71
C ARG A 110 -27.99 -2.64 24.98
N TYR A 111 -27.69 -3.83 24.47
CA TYR A 111 -28.63 -4.58 23.66
C TYR A 111 -28.98 -5.92 24.26
N PHE A 112 -30.28 -6.12 24.53
CA PHE A 112 -30.81 -7.36 25.13
C PHE A 112 -31.78 -8.04 24.20
N ASP A 113 -31.74 -9.37 24.15
CA ASP A 113 -32.59 -10.18 23.29
C ASP A 113 -34.05 -10.02 23.68
N ILE A 114 -34.92 -9.53 22.76
CA ILE A 114 -36.35 -9.38 23.06
C ILE A 114 -37.04 -10.71 23.44
N THR A 115 -36.76 -11.78 22.74
CA THR A 115 -37.38 -13.04 23.13
C THR A 115 -36.94 -13.60 24.54
N THR A 116 -35.66 -13.49 24.91
CA THR A 116 -35.19 -14.08 26.15
C THR A 116 -34.61 -13.20 27.24
N GLY A 117 -34.39 -11.93 26.94
CA GLY A 117 -33.79 -11.04 27.92
C GLY A 117 -32.29 -11.25 28.07
N THR A 118 -31.69 -12.00 27.14
CA THR A 118 -30.27 -12.21 27.24
C THR A 118 -29.49 -10.96 26.93
N TYR A 119 -28.38 -10.74 27.69
CA TYR A 119 -27.53 -9.58 27.42
C TYR A 119 -26.72 -9.90 26.18
N ILE A 120 -26.95 -9.15 25.09
CA ILE A 120 -26.29 -9.38 23.78
C ILE A 120 -25.02 -8.57 23.57
N ALA A 121 -25.17 -7.24 23.61
CA ALA A 121 -24.07 -6.37 23.29
C ALA A 121 -24.04 -5.06 24.02
N TYR A 122 -22.82 -4.52 24.13
CA TYR A 122 -22.51 -3.20 24.66
C TYR A 122 -21.93 -2.42 23.49
N ILE A 123 -22.44 -1.21 23.25
CA ILE A 123 -21.95 -0.35 22.17
C ILE A 123 -21.63 1.07 22.71
N ARG A 124 -20.39 1.57 22.44
CA ARG A 124 -19.96 2.89 22.88
C ARG A 124 -19.44 3.68 21.67
N LYS A 125 -20.24 4.66 21.20
CA LYS A 125 -19.87 5.52 20.05
C LYS A 125 -19.16 6.74 20.58
N SER A 126 -18.13 7.22 19.86
CA SER A 126 -17.29 8.33 20.30
C SER A 126 -16.63 9.12 19.16
N LYS A 127 -17.43 9.92 18.43
CA LYS A 127 -17.02 10.78 17.31
C LYS A 127 -16.64 10.02 16.03
N SER A 128 -15.47 9.37 16.04
CA SER A 128 -14.98 8.60 14.90
C SER A 128 -14.87 7.11 15.25
N GLU A 129 -14.51 6.81 16.51
CA GLU A 129 -14.37 5.44 16.99
C GLU A 129 -15.66 4.93 17.60
N LYS A 130 -16.00 3.69 17.28
CA LYS A 130 -17.13 2.95 17.83
C LYS A 130 -16.58 1.63 18.36
N VAL A 131 -17.16 1.16 19.46
CA VAL A 131 -16.79 -0.12 20.05
C VAL A 131 -18.02 -1.02 20.24
N ILE A 132 -17.95 -2.25 19.76
CA ILE A 132 -19.03 -3.22 19.99
C ILE A 132 -18.48 -4.41 20.80
N ASP A 133 -19.03 -4.62 22.00
CA ASP A 133 -18.64 -5.75 22.83
C ASP A 133 -19.75 -6.80 22.79
N PHE A 134 -19.37 -8.04 22.45
CA PHE A 134 -20.34 -9.13 22.44
C PHE A 134 -20.17 -10.01 23.66
N PHE A 135 -21.30 -10.38 24.24
CA PHE A 135 -21.36 -11.19 25.46
C PHE A 135 -21.90 -12.54 25.15
N LYS A 136 -21.54 -13.51 26.01
CA LYS A 136 -21.94 -14.89 25.99
C LYS A 136 -21.95 -15.38 27.40
N ASP A 137 -23.14 -15.85 27.84
CA ASP A 137 -23.41 -16.35 29.18
C ASP A 137 -23.02 -15.26 30.21
N ASN A 138 -23.43 -14.03 29.87
CA ASN A 138 -23.27 -12.76 30.57
C ASN A 138 -21.86 -12.25 30.66
N LYS A 139 -20.94 -12.79 29.85
CA LYS A 139 -19.55 -12.37 29.90
C LYS A 139 -19.05 -11.90 28.53
N ARG A 140 -18.39 -10.71 28.48
CA ARG A 140 -17.81 -10.22 27.22
C ARG A 140 -16.79 -11.19 26.71
N ILE A 141 -16.93 -11.56 25.43
CA ILE A 141 -16.08 -12.51 24.71
C ILE A 141 -15.37 -11.90 23.52
N GLU A 142 -15.93 -10.81 22.98
CA GLU A 142 -15.40 -10.18 21.79
C GLU A 142 -15.55 -8.68 21.79
N ARG A 143 -14.58 -7.98 21.15
CA ARG A 143 -14.65 -6.54 20.91
C ARG A 143 -14.22 -6.06 19.55
N PHE A 144 -15.26 -5.74 18.74
CA PHE A 144 -15.12 -5.15 17.42
C PHE A 144 -14.89 -3.65 17.62
N SER A 145 -13.75 -3.15 17.04
CA SER A 145 -13.30 -1.76 17.14
C SER A 145 -13.31 -1.15 15.74
N PHE A 146 -14.11 -0.09 15.59
CA PHE A 146 -14.33 0.63 14.35
C PHE A 146 -13.71 2.03 14.38
N ILE A 147 -13.31 2.52 13.20
CA ILE A 147 -12.82 3.88 12.98
C ILE A 147 -13.53 4.31 11.73
N ASP A 148 -14.36 5.36 11.85
CA ASP A 148 -15.17 5.92 10.76
C ASP A 148 -16.14 4.85 10.25
N ASN A 149 -16.76 4.14 11.21
CA ASN A 149 -17.75 3.07 11.01
C ASN A 149 -17.27 1.83 10.24
N LYS A 150 -15.97 1.76 9.95
CA LYS A 150 -15.33 0.64 9.30
C LYS A 150 -14.53 -0.09 10.37
N VAL A 151 -14.76 -1.42 10.51
CA VAL A 151 -14.02 -2.24 11.50
C VAL A 151 -12.55 -2.43 11.10
N HIS A 152 -11.65 -2.31 12.10
CA HIS A 152 -10.22 -2.46 11.88
C HIS A 152 -9.65 -3.55 12.74
N MET A 153 -10.25 -3.80 13.90
CA MET A 153 -9.70 -4.82 14.75
C MET A 153 -10.73 -5.45 15.66
N LYS A 154 -10.59 -6.78 15.86
CA LYS A 154 -11.45 -7.56 16.75
C LYS A 154 -10.56 -8.21 17.83
N GLU A 155 -11.09 -8.29 19.08
CA GLU A 155 -10.39 -8.91 20.22
C GLU A 155 -11.25 -9.93 20.95
N THR A 156 -10.64 -11.06 21.32
CA THR A 156 -11.28 -12.13 22.06
C THR A 156 -10.81 -12.03 23.52
N PHE A 157 -11.72 -12.24 24.48
CA PHE A 157 -11.44 -12.13 25.89
C PHE A 157 -11.59 -13.45 26.60
N ASN A 158 -10.69 -13.72 27.56
CA ASN A 158 -10.64 -14.89 28.40
C ASN A 158 -11.66 -14.80 29.54
N VAL A 159 -11.59 -15.78 30.47
CA VAL A 159 -12.47 -15.88 31.65
C VAL A 159 -12.31 -14.73 32.60
N ASP A 160 -11.10 -14.17 32.67
CA ASP A 160 -10.85 -13.01 33.52
C ASP A 160 -11.06 -11.74 32.72
N ASN A 161 -11.84 -11.84 31.61
CA ASN A 161 -12.14 -10.73 30.69
C ASN A 161 -10.83 -9.99 30.29
N LYS A 162 -9.89 -10.71 29.70
CA LYS A 162 -8.59 -10.21 29.31
C LYS A 162 -8.30 -10.65 27.88
N VAL A 163 -7.70 -9.77 27.03
CA VAL A 163 -7.37 -10.10 25.64
C VAL A 163 -6.42 -11.29 25.51
N CYS A 164 -6.92 -12.35 24.89
CA CYS A 164 -6.17 -13.56 24.65
C CYS A 164 -5.87 -13.74 23.17
N TYR A 165 -6.51 -12.93 22.29
CA TYR A 165 -6.35 -13.07 20.82
C TYR A 165 -6.84 -11.85 20.03
N GLN A 166 -6.01 -11.44 19.03
CA GLN A 166 -6.32 -10.30 18.17
C GLN A 166 -6.43 -10.68 16.71
N VAL A 167 -7.19 -9.89 15.94
CA VAL A 167 -7.43 -10.06 14.50
C VAL A 167 -7.46 -8.64 13.97
N PHE A 168 -6.57 -8.34 13.01
CA PHE A 168 -6.59 -7.05 12.37
C PHE A 168 -7.27 -7.22 10.98
N TYR A 169 -8.04 -6.21 10.57
CA TYR A 169 -8.73 -6.12 9.27
C TYR A 169 -8.19 -4.98 8.45
N ASP A 170 -8.23 -5.16 7.11
CA ASP A 170 -7.75 -4.21 6.12
C ASP A 170 -8.79 -3.09 5.89
N GLU A 171 -8.65 -2.36 4.75
CA GLU A 171 -9.56 -1.27 4.39
C GLU A 171 -10.89 -1.77 3.85
N LYS A 172 -11.02 -3.08 3.56
CA LYS A 172 -12.28 -3.65 3.08
C LYS A 172 -12.97 -4.52 4.13
N GLY A 173 -12.34 -4.66 5.29
CA GLY A 173 -12.90 -5.47 6.37
C GLY A 173 -12.40 -6.90 6.40
N TYR A 174 -11.51 -7.28 5.46
CA TYR A 174 -10.96 -8.63 5.42
C TYR A 174 -9.85 -8.83 6.45
N PRO A 175 -9.79 -10.01 7.10
CA PRO A 175 -8.72 -10.26 8.08
C PRO A 175 -7.38 -10.56 7.40
N TYR A 176 -6.29 -9.94 7.85
CA TYR A 176 -5.00 -10.26 7.22
C TYR A 176 -4.02 -10.90 8.18
N ILE A 177 -4.13 -10.50 9.46
CA ILE A 177 -3.33 -11.06 10.54
C ILE A 177 -4.21 -11.32 11.74
N SER A 178 -3.81 -12.33 12.53
CA SER A 178 -4.37 -12.70 13.79
C SER A 178 -3.21 -13.15 14.66
N ARG A 179 -3.37 -13.07 15.99
CA ARG A 179 -2.31 -13.45 16.92
C ARG A 179 -2.80 -13.74 18.31
N ASN A 180 -2.13 -14.69 18.94
CA ASN A 180 -2.45 -15.02 20.31
C ASN A 180 -1.77 -14.01 21.27
N ILE A 181 -2.51 -13.59 22.31
CA ILE A 181 -1.97 -12.69 23.31
C ILE A 181 -1.96 -13.37 24.66
N ASN A 182 -0.79 -13.46 25.33
CA ASN A 182 -0.76 -14.04 26.69
C ASN A 182 -1.52 -13.08 27.61
N ALA A 183 -2.68 -13.52 28.12
CA ALA A 183 -3.57 -12.65 28.90
C ALA A 183 -2.94 -12.05 30.13
N ASN A 184 -2.05 -12.84 30.79
CA ASN A 184 -1.35 -12.40 32.01
C ASN A 184 -0.44 -11.19 31.75
N ASN A 185 0.67 -11.44 31.00
CA ASN A 185 1.70 -10.44 30.70
C ASN A 185 1.47 -9.55 29.49
N GLY A 186 0.53 -9.93 28.64
CA GLY A 186 0.24 -9.17 27.43
C GLY A 186 1.18 -9.47 26.27
N ALA A 187 2.01 -10.52 26.40
CA ALA A 187 2.98 -10.95 25.39
C ALA A 187 2.31 -11.45 24.12
N VAL A 188 2.90 -11.16 22.94
CA VAL A 188 2.37 -11.60 21.64
C VAL A 188 3.02 -12.95 21.24
N GLY A 189 2.18 -13.98 21.15
CA GLY A 189 2.62 -15.31 20.75
C GLY A 189 2.55 -15.53 19.25
N LYS A 190 2.04 -16.74 18.87
CA LYS A 190 1.88 -17.15 17.48
C LYS A 190 1.12 -16.10 16.70
N THR A 191 1.79 -15.60 15.65
CA THR A 191 1.27 -14.59 14.75
C THR A 191 0.91 -15.27 13.43
N TYR A 192 -0.36 -15.15 13.01
CA TYR A 192 -0.76 -15.76 11.76
C TYR A 192 -1.09 -14.72 10.71
N VAL A 193 -0.25 -14.66 9.67
CA VAL A 193 -0.43 -13.77 8.51
C VAL A 193 -1.41 -14.48 7.56
N LEU A 194 -2.69 -14.34 7.84
CA LEU A 194 -3.78 -14.96 7.09
C LEU A 194 -3.72 -14.60 5.59
N VAL A 195 -3.27 -13.38 5.27
CA VAL A 195 -3.15 -12.94 3.88
C VAL A 195 -2.21 -13.89 3.11
N ASN A 196 -1.01 -14.20 3.69
CA ASN A 196 0.01 -15.07 3.10
C ASN A 196 -0.08 -16.54 3.54
N LYS A 197 -1.06 -16.85 4.44
CA LYS A 197 -1.29 -18.17 5.03
C LYS A 197 0.03 -18.67 5.65
N LYS A 198 0.70 -17.80 6.43
CA LYS A 198 1.98 -18.07 7.08
C LYS A 198 1.90 -17.89 8.59
N GLU A 199 2.57 -18.81 9.31
CA GLU A 199 2.62 -18.81 10.77
C GLU A 199 3.96 -18.27 11.25
N PHE A 200 3.96 -17.58 12.38
CA PHE A 200 5.15 -17.01 12.99
C PHE A 200 5.14 -17.29 14.48
N LYS A 201 6.28 -17.71 15.05
CA LYS A 201 6.41 -18.08 16.47
C LYS A 201 5.94 -16.94 17.38
N ASN A 202 6.58 -15.81 17.23
CA ASN A 202 6.32 -14.63 18.01
C ASN A 202 6.31 -13.44 17.05
N ASN A 203 6.18 -12.23 17.63
CA ASN A 203 6.19 -11.03 16.81
C ASN A 203 7.57 -10.80 16.22
N LEU A 204 8.63 -11.15 17.02
CA LEU A 204 10.04 -11.03 16.65
C LEU A 204 10.22 -11.74 15.32
N ALA A 205 9.74 -13.02 15.28
CA ALA A 205 9.74 -13.91 14.12
C ALA A 205 9.19 -13.15 12.91
N LEU A 206 7.97 -12.62 13.08
CA LEU A 206 7.29 -11.84 12.08
C LEU A 206 8.10 -10.62 11.61
N CYS A 207 8.48 -9.70 12.53
CA CYS A 207 9.27 -8.51 12.19
C CYS A 207 10.62 -8.86 11.52
N VAL A 208 11.26 -9.96 11.94
CA VAL A 208 12.50 -10.42 11.30
C VAL A 208 12.22 -10.71 9.83
N TYR A 209 11.18 -11.51 9.54
CA TYR A 209 10.73 -11.77 8.17
C TYR A 209 10.44 -10.45 7.45
N TYR A 210 9.73 -9.54 8.10
CA TYR A 210 9.35 -8.24 7.56
C TYR A 210 10.54 -7.37 7.19
N LEU A 211 11.54 -7.30 8.07
CA LEU A 211 12.70 -6.46 7.83
C LEU A 211 13.47 -6.95 6.67
N GLU A 212 13.49 -8.30 6.47
CA GLU A 212 14.12 -8.96 5.34
C GLU A 212 13.36 -8.57 4.04
N LYS A 213 12.02 -8.47 4.12
CA LYS A 213 11.20 -8.07 2.99
C LYS A 213 11.32 -6.57 2.72
N LEU A 214 11.37 -5.74 3.77
CA LEU A 214 11.47 -4.29 3.60
C LEU A 214 12.84 -3.80 3.14
N ILE A 215 13.89 -4.10 3.91
CA ILE A 215 15.25 -3.66 3.66
C ILE A 215 16.00 -4.52 2.63
N LYS A 216 16.51 -3.87 1.55
CA LYS A 216 17.31 -4.48 0.48
C LYS A 216 18.67 -4.88 1.07
N ASP A 217 19.17 -6.12 0.77
CA ASP A 217 20.45 -6.56 1.31
C ASP A 217 21.62 -5.97 0.53
N SER A 218 21.73 -4.65 0.62
CA SER A 218 22.76 -3.88 -0.03
C SER A 218 23.52 -3.20 1.05
N LYS A 219 24.80 -3.02 0.82
CA LYS A 219 25.75 -2.32 1.68
C LYS A 219 25.30 -0.86 1.91
N ASP A 220 24.42 -0.35 1.01
CA ASP A 220 23.84 0.99 1.04
C ASP A 220 22.65 1.09 1.98
N SER A 221 22.10 -0.06 2.43
CA SER A 221 20.98 -0.10 3.36
C SER A 221 21.54 -0.15 4.79
N ILE A 222 21.19 0.87 5.59
CA ILE A 222 21.68 0.99 6.96
C ILE A 222 20.54 0.87 7.99
N MET A 223 20.75 0.02 9.00
CA MET A 223 19.76 -0.17 10.05
C MET A 223 20.29 0.33 11.35
N ILE A 224 19.70 1.37 11.86
CA ILE A 224 20.06 1.92 13.15
C ILE A 224 18.98 1.46 14.10
N CYS A 225 19.37 0.80 15.16
CA CYS A 225 18.38 0.37 16.11
C CYS A 225 18.45 1.15 17.42
N ASP A 226 17.51 2.07 17.59
CA ASP A 226 17.41 2.94 18.76
C ASP A 226 16.74 2.26 19.93
N GLY A 227 15.52 1.76 19.71
CA GLY A 227 14.79 1.04 20.74
C GLY A 227 15.49 -0.26 21.10
N PRO A 228 16.05 -0.38 22.35
CA PRO A 228 16.78 -1.60 22.73
C PRO A 228 15.98 -2.91 22.69
N GLY A 229 14.68 -2.82 22.87
CA GLY A 229 13.80 -3.99 22.79
C GLY A 229 13.64 -4.50 21.37
N SER A 230 13.80 -3.59 20.39
CA SER A 230 13.70 -3.90 18.98
C SER A 230 15.01 -4.47 18.45
N PHE A 231 16.11 -4.41 19.22
CA PHE A 231 17.41 -4.92 18.78
C PHE A 231 17.41 -6.32 18.15
N PRO A 232 16.87 -7.38 18.80
CA PRO A 232 16.93 -8.71 18.17
C PRO A 232 16.12 -8.79 16.88
N LYS A 233 15.11 -7.89 16.69
CA LYS A 233 14.32 -7.84 15.46
C LYS A 233 15.27 -7.53 14.32
N MET A 234 16.23 -6.62 14.58
CA MET A 234 17.28 -6.23 13.61
C MET A 234 18.36 -7.30 13.56
N PHE A 235 18.95 -7.60 14.72
CA PHE A 235 20.04 -8.55 14.89
C PHE A 235 19.83 -9.93 14.26
N ASN A 236 18.58 -10.41 14.25
CA ASN A 236 18.27 -11.74 13.74
C ASN A 236 18.02 -11.86 12.24
N THR A 237 18.05 -10.74 11.48
CA THR A 237 17.81 -10.82 10.03
C THR A 237 18.97 -11.54 9.33
N ASN A 238 18.69 -12.13 8.17
CA ASN A 238 19.66 -12.86 7.38
C ASN A 238 20.58 -11.97 6.54
N HIS A 239 20.36 -10.64 6.56
CA HIS A 239 21.11 -9.63 5.80
C HIS A 239 22.63 -9.83 5.94
N LYS A 240 23.31 -9.99 4.80
CA LYS A 240 24.76 -10.21 4.72
C LYS A 240 25.55 -8.97 4.26
N ASN A 241 24.87 -8.00 3.62
CA ASN A 241 25.49 -6.76 3.11
C ASN A 241 25.01 -5.51 3.84
N ALA A 242 23.72 -5.46 4.18
CA ALA A 242 23.10 -4.34 4.89
C ALA A 242 23.76 -4.16 6.25
N GLN A 243 23.99 -2.90 6.62
CA GLN A 243 24.67 -2.51 7.85
C GLN A 243 23.74 -2.48 9.08
N LYS A 244 24.23 -2.99 10.20
CA LYS A 244 23.47 -3.05 11.43
C LYS A 244 24.19 -2.35 12.57
N TYR A 245 23.58 -1.28 13.05
CA TYR A 245 24.08 -0.50 14.17
C TYR A 245 23.05 -0.43 15.28
N GLY A 246 23.54 -0.31 16.51
CA GLY A 246 22.73 -0.23 17.71
C GLY A 246 23.12 1.00 18.51
N VAL A 247 22.12 1.79 18.96
CA VAL A 247 22.41 3.01 19.71
C VAL A 247 21.99 2.86 21.16
N ILE A 248 22.94 3.13 22.07
CA ILE A 248 22.65 3.11 23.50
C ILE A 248 22.43 4.56 23.92
N HIS A 249 21.20 4.84 24.42
CA HIS A 249 20.78 6.18 24.81
C HIS A 249 20.85 6.45 26.30
N VAL A 250 21.16 5.42 27.10
CA VAL A 250 21.22 5.51 28.56
C VAL A 250 22.45 4.84 29.18
N ASN A 251 22.82 5.24 30.42
CA ASN A 251 23.93 4.64 31.17
C ASN A 251 23.58 3.15 31.38
N HIS A 252 24.28 2.26 30.63
CA HIS A 252 24.12 0.80 30.59
C HIS A 252 24.13 0.03 31.92
N HIS A 253 24.63 0.66 33.01
CA HIS A 253 24.66 0.07 34.34
C HIS A 253 23.28 0.20 34.96
N GLU A 254 22.77 -0.92 35.53
CA GLU A 254 21.47 -1.00 36.19
C GLU A 254 21.41 0.08 37.27
N ASN A 255 20.38 0.96 37.21
CA ASN A 255 20.25 2.08 38.14
C ASN A 255 20.00 1.63 39.57
N PHE A 256 20.78 2.23 40.51
CA PHE A 256 20.79 1.97 41.94
C PHE A 256 21.24 0.52 42.21
N ASP A 257 22.44 0.17 41.68
CA ASP A 257 23.05 -1.15 41.80
C ASP A 257 24.54 -1.05 42.17
N ASP A 258 24.85 -1.24 43.48
CA ASP A 258 26.21 -1.23 44.03
C ASP A 258 26.99 -2.50 43.64
N THR A 259 26.26 -3.50 43.09
CA THR A 259 26.77 -4.81 42.67
C THR A 259 27.50 -4.78 41.31
N GLY A 260 27.33 -3.70 40.55
CA GLY A 260 27.92 -3.54 39.23
C GLY A 260 27.18 -4.36 38.19
N ALA A 261 25.85 -4.21 38.17
CA ALA A 261 24.94 -4.92 37.27
C ALA A 261 24.65 -4.08 36.02
N PHE A 262 24.31 -4.76 34.90
CA PHE A 262 23.99 -4.12 33.61
C PHE A 262 22.53 -4.30 33.22
N LYS A 263 21.96 -3.32 32.48
CA LYS A 263 20.58 -3.33 31.98
C LYS A 263 20.47 -4.43 30.93
N LYS A 264 19.57 -5.41 31.16
CA LYS A 264 19.37 -6.60 30.31
C LYS A 264 19.46 -6.31 28.82
N SER A 265 18.52 -5.49 28.31
CA SER A 265 18.41 -5.11 26.91
C SER A 265 19.69 -4.54 26.33
N GLU A 266 20.32 -3.58 27.07
CA GLU A 266 21.57 -2.90 26.73
C GLU A 266 22.76 -3.83 26.74
N LYS A 267 22.90 -4.65 27.81
CA LYS A 267 23.98 -5.62 27.97
C LYS A 267 24.04 -6.50 26.73
N TYR A 268 22.87 -7.00 26.28
CA TYR A 268 22.75 -7.83 25.10
C TYR A 268 23.29 -7.15 23.83
N ILE A 269 23.02 -5.85 23.66
CA ILE A 269 23.48 -5.08 22.51
C ILE A 269 25.00 -4.98 22.56
N ILE A 270 25.53 -4.55 23.71
CA ILE A 270 26.97 -4.39 23.96
C ILE A 270 27.73 -5.71 23.73
N GLU A 271 27.20 -6.81 24.26
CA GLU A 271 27.78 -8.15 24.15
C GLU A 271 27.94 -8.56 22.68
N ASN A 272 26.96 -8.21 21.82
CA ASN A 272 26.99 -8.55 20.40
C ASN A 272 27.62 -7.50 19.48
N ALA A 273 28.19 -6.40 20.05
CA ALA A 273 28.78 -5.32 19.25
C ALA A 273 29.75 -5.78 18.15
N ASN A 274 30.54 -6.86 18.41
CA ASN A 274 31.49 -7.37 17.42
C ASN A 274 30.79 -8.13 16.30
N LYS A 275 29.60 -8.69 16.60
CA LYS A 275 28.79 -9.45 15.63
C LYS A 275 28.04 -8.57 14.63
N ILE A 276 27.94 -7.27 14.92
CA ILE A 276 27.31 -6.27 14.04
C ILE A 276 28.33 -5.17 13.65
N ASN A 277 27.87 -4.20 12.86
CA ASN A 277 28.72 -3.09 12.40
C ASN A 277 29.24 -2.22 13.54
N GLY A 278 28.39 -1.91 14.50
CA GLY A 278 28.80 -1.09 15.62
C GLY A 278 27.72 -0.77 16.62
N VAL A 279 28.16 -0.37 17.79
CA VAL A 279 27.30 0.07 18.88
C VAL A 279 27.67 1.51 19.17
N ILE A 280 26.71 2.39 18.99
CA ILE A 280 26.92 3.80 19.17
C ILE A 280 26.51 4.24 20.55
N VAL A 281 27.43 4.94 21.23
CA VAL A 281 27.23 5.53 22.55
C VAL A 281 27.34 7.04 22.38
N LEU A 282 26.62 7.81 23.22
CA LEU A 282 26.59 9.26 23.08
C LEU A 282 27.83 10.02 23.56
N THR A 283 28.43 9.57 24.69
CA THR A 283 29.62 10.17 25.31
C THR A 283 30.87 9.32 25.13
N GLU A 284 32.06 9.96 25.18
CA GLU A 284 33.33 9.25 25.07
C GLU A 284 33.66 8.50 26.36
N ALA A 285 33.07 8.98 27.49
CA ALA A 285 33.20 8.40 28.82
C ALA A 285 32.62 7.01 28.87
N GLN A 286 31.36 6.86 28.37
CA GLN A 286 30.62 5.60 28.29
C GLN A 286 31.34 4.60 27.41
N ARG A 287 31.93 5.09 26.31
CA ARG A 287 32.67 4.27 25.36
C ARG A 287 33.79 3.50 26.04
N LEU A 288 34.60 4.19 26.84
CA LEU A 288 35.72 3.60 27.55
C LEU A 288 35.25 2.63 28.61
N ASP A 289 34.19 3.00 29.37
CA ASP A 289 33.55 2.17 30.39
C ASP A 289 33.15 0.81 29.83
N ILE A 290 32.49 0.83 28.65
CA ILE A 290 32.06 -0.38 27.96
C ILE A 290 33.27 -1.20 27.53
N LEU A 291 34.26 -0.56 26.86
CA LEU A 291 35.44 -1.25 26.36
C LEU A 291 36.27 -1.92 27.42
N ASN A 292 36.19 -1.39 28.66
CA ASN A 292 36.91 -1.90 29.82
C ASN A 292 36.27 -3.17 30.38
N GLN A 293 34.95 -3.11 30.64
CA GLN A 293 34.16 -4.20 31.23
C GLN A 293 33.78 -5.34 30.28
N PHE A 294 33.77 -5.08 28.98
CA PHE A 294 33.35 -6.06 27.99
C PHE A 294 34.44 -6.38 26.99
N ASP A 295 34.57 -7.67 26.62
CA ASP A 295 35.57 -8.16 25.66
C ASP A 295 35.03 -8.04 24.24
N VAL A 296 34.87 -6.78 23.82
CA VAL A 296 34.30 -6.37 22.54
C VAL A 296 34.97 -5.04 22.13
N GLU A 297 35.06 -4.77 20.82
CA GLU A 297 35.70 -3.51 20.38
C GLU A 297 34.96 -2.64 19.37
N ASN A 298 33.76 -3.08 18.92
CA ASN A 298 32.96 -2.29 17.96
C ASN A 298 32.10 -1.20 18.61
N ILE A 299 32.65 -0.45 19.58
CA ILE A 299 31.94 0.63 20.23
C ILE A 299 32.46 1.97 19.73
N PHE A 300 31.51 2.87 19.38
CA PHE A 300 31.84 4.18 18.83
C PHE A 300 31.08 5.30 19.50
N THR A 301 31.73 6.47 19.62
CA THR A 301 31.10 7.67 20.21
C THR A 301 30.61 8.61 19.12
N ILE A 302 29.28 8.81 19.04
CA ILE A 302 28.67 9.77 18.12
C ILE A 302 27.60 10.44 18.93
N SER A 303 27.85 11.70 19.30
CA SER A 303 26.92 12.53 20.07
C SER A 303 25.58 12.70 19.36
N ASN A 304 24.58 13.23 20.08
CA ASN A 304 23.30 13.52 19.46
C ASN A 304 23.46 14.79 18.62
N PHE A 305 22.65 14.95 17.54
CA PHE A 305 22.71 16.21 16.81
C PHE A 305 22.05 17.19 17.76
N VAL A 306 22.48 18.45 17.72
CA VAL A 306 21.95 19.49 18.59
C VAL A 306 21.25 20.55 17.73
N LYS A 307 20.00 20.92 18.11
CA LYS A 307 19.20 21.93 17.43
C LYS A 307 19.60 23.27 18.04
N ILE A 308 20.26 24.13 17.24
CA ILE A 308 20.71 25.44 17.71
C ILE A 308 19.70 26.53 17.39
N HIS A 309 18.68 26.61 18.26
CA HIS A 309 17.59 27.58 18.19
C HIS A 309 18.13 28.93 18.66
N ASN A 310 17.40 30.03 18.37
CA ASN A 310 17.82 31.37 18.79
C ASN A 310 17.64 31.58 20.29
N ALA A 311 18.66 32.14 20.96
CA ALA A 311 18.65 32.42 22.39
C ALA A 311 17.59 33.51 22.71
N PRO A 312 17.00 33.55 23.95
CA PRO A 312 15.96 34.57 24.25
C PRO A 312 16.40 36.02 24.09
N LYS A 313 15.43 36.95 23.95
CA LYS A 313 15.70 38.39 23.77
C LYS A 313 16.56 38.95 24.89
N HIS A 314 16.27 38.56 26.15
CA HIS A 314 17.01 39.03 27.32
C HIS A 314 17.13 37.97 28.40
N PHE A 315 18.14 38.14 29.26
CA PHE A 315 18.43 37.26 30.41
C PHE A 315 17.38 37.47 31.50
N GLN A 316 17.22 36.49 32.41
CA GLN A 316 16.33 36.61 33.55
C GLN A 316 17.13 37.18 34.71
N THR A 317 16.74 38.36 35.18
CA THR A 317 17.41 39.06 36.29
C THR A 317 16.90 38.61 37.66
N GLU A 318 15.62 38.17 37.73
CA GLU A 318 14.97 37.67 38.94
C GLU A 318 15.64 36.38 39.40
N LYS A 319 15.61 36.11 40.70
CA LYS A 319 16.19 34.90 41.27
C LYS A 319 15.29 33.68 41.06
N ILE A 320 15.22 33.20 39.80
CA ILE A 320 14.40 32.03 39.41
C ILE A 320 15.31 30.91 38.91
N VAL A 321 15.32 29.77 39.62
CA VAL A 321 16.10 28.59 39.27
C VAL A 321 15.13 27.53 38.73
N GLY A 322 15.44 26.99 37.55
CA GLY A 322 14.59 26.01 36.88
C GLY A 322 15.11 24.61 36.69
N HIS A 323 14.19 23.72 36.30
CA HIS A 323 14.41 22.29 36.06
C HIS A 323 13.22 21.75 35.28
N ILE A 324 13.48 21.16 34.10
CA ILE A 324 12.45 20.56 33.25
C ILE A 324 12.88 19.13 32.94
N SER A 325 12.19 18.14 33.52
CA SER A 325 12.46 16.71 33.34
C SER A 325 11.30 15.86 33.82
N ARG A 326 11.28 14.58 33.41
CA ARG A 326 10.29 13.58 33.84
C ARG A 326 10.51 13.33 35.33
N MET A 327 9.42 13.08 36.08
CA MET A 327 9.52 12.79 37.51
C MET A 327 9.72 11.27 37.72
N VAL A 328 11.00 10.84 37.64
CA VAL A 328 11.45 9.45 37.78
C VAL A 328 12.61 9.37 38.81
N PRO A 329 12.87 8.19 39.44
CA PRO A 329 13.95 8.10 40.44
C PRO A 329 15.35 8.49 39.98
N THR A 330 15.72 8.19 38.72
CA THR A 330 17.04 8.51 38.14
C THR A 330 17.36 10.01 38.15
N LYS A 331 16.33 10.86 38.03
CA LYS A 331 16.44 12.32 38.02
C LYS A 331 16.72 12.92 39.41
N ARG A 332 16.44 12.14 40.48
CA ARG A 332 16.62 12.47 41.90
C ARG A 332 16.14 13.86 42.31
N ILE A 333 14.85 14.15 42.04
CA ILE A 333 14.20 15.42 42.38
C ILE A 333 14.10 15.56 43.91
N ASP A 334 14.15 14.41 44.62
CA ASP A 334 14.17 14.33 46.08
C ASP A 334 15.37 15.11 46.61
N LEU A 335 16.54 14.96 45.95
CA LEU A 335 17.76 15.70 46.29
C LEU A 335 17.61 17.18 45.96
N LEU A 336 16.88 17.51 44.87
CA LEU A 336 16.65 18.89 44.45
C LEU A 336 15.92 19.72 45.49
N ILE A 337 14.97 19.11 46.21
CA ILE A 337 14.20 19.74 47.28
C ILE A 337 15.13 20.00 48.48
N GLU A 338 16.07 19.07 48.74
CA GLU A 338 17.06 19.18 49.82
C GLU A 338 18.06 20.31 49.58
N VAL A 339 18.37 20.60 48.29
CA VAL A 339 19.26 21.70 47.89
C VAL A 339 18.45 22.99 47.97
N ALA A 340 17.19 22.96 47.50
CA ALA A 340 16.26 24.09 47.52
C ALA A 340 16.07 24.63 48.94
N GLU A 341 15.97 23.72 49.94
CA GLU A 341 15.82 24.04 51.36
C GLU A 341 17.07 24.75 51.89
N LEU A 342 18.26 24.24 51.52
CA LEU A 342 19.56 24.78 51.91
C LEU A 342 19.78 26.18 51.35
N VAL A 343 19.27 26.44 50.13
CA VAL A 343 19.39 27.71 49.40
C VAL A 343 18.46 28.79 49.99
N VAL A 344 17.14 28.49 50.13
CA VAL A 344 16.14 29.44 50.64
C VAL A 344 16.39 29.98 52.06
N LYS A 345 17.18 29.24 52.88
CA LYS A 345 17.55 29.63 54.23
C LYS A 345 18.53 30.81 54.19
N LYS A 346 19.58 30.70 53.37
CA LYS A 346 20.63 31.72 53.21
C LYS A 346 20.16 32.96 52.42
N ASP A 347 19.07 32.80 51.62
CA ASP A 347 18.45 33.86 50.82
C ASP A 347 16.99 33.47 50.51
N ASN A 348 16.04 34.16 51.17
CA ASN A 348 14.60 33.95 51.05
C ASN A 348 14.04 34.21 49.64
N ALA A 349 14.57 35.24 48.95
CA ALA A 349 14.16 35.72 47.61
C ALA A 349 14.02 34.66 46.50
N VAL A 350 15.06 33.84 46.29
CA VAL A 350 15.16 32.79 45.27
C VAL A 350 14.00 31.76 45.23
N LYS A 351 13.37 31.63 44.05
CA LYS A 351 12.26 30.72 43.78
C LYS A 351 12.66 29.60 42.81
N PHE A 352 12.13 28.38 43.03
CA PHE A 352 12.41 27.20 42.22
C PHE A 352 11.19 26.74 41.43
N HIS A 353 11.33 26.65 40.10
CA HIS A 353 10.28 26.23 39.17
C HIS A 353 10.60 24.84 38.61
N ILE A 354 9.84 23.82 39.02
CA ILE A 354 10.07 22.44 38.60
C ILE A 354 8.97 21.89 37.69
N TYR A 355 9.25 21.89 36.37
CA TYR A 355 8.35 21.40 35.34
C TYR A 355 8.56 19.90 35.15
N GLY A 356 7.47 19.20 34.89
CA GLY A 356 7.47 17.76 34.66
C GLY A 356 6.45 16.99 35.48
N GLU A 357 6.23 15.73 35.07
CA GLU A 357 5.29 14.80 35.70
C GLU A 357 5.76 13.35 35.59
N GLY A 358 5.38 12.55 36.59
CA GLY A 358 5.72 11.14 36.66
C GLY A 358 5.32 10.50 37.96
N SER A 359 5.97 9.38 38.31
CA SER A 359 5.73 8.62 39.53
C SER A 359 6.08 9.37 40.82
N VAL A 360 7.30 9.93 40.91
CA VAL A 360 7.77 10.67 42.09
C VAL A 360 7.16 12.07 42.29
N LYS A 361 6.22 12.49 41.40
CA LYS A 361 5.54 13.79 41.48
C LYS A 361 4.86 13.96 42.83
N ASP A 362 4.16 12.91 43.30
CA ASP A 362 3.44 12.85 44.57
C ASP A 362 4.38 12.96 45.77
N LYS A 363 5.47 12.15 45.80
CA LYS A 363 6.46 12.13 46.88
C LYS A 363 7.14 13.50 47.06
N ILE A 364 7.52 14.15 45.93
CA ILE A 364 8.15 15.47 45.92
C ILE A 364 7.18 16.54 46.41
N ALA A 365 5.88 16.46 46.00
CA ALA A 365 4.83 17.39 46.41
C ALA A 365 4.64 17.39 47.94
N LYS A 366 4.61 16.17 48.54
CA LYS A 366 4.49 15.97 49.99
C LYS A 366 5.78 16.41 50.71
N MET A 367 6.94 16.25 50.03
CA MET A 367 8.27 16.62 50.55
C MET A 367 8.42 18.14 50.74
N ILE A 368 7.79 18.95 49.86
CA ILE A 368 7.81 20.41 49.90
C ILE A 368 7.01 20.89 51.12
N GLU A 369 5.85 20.26 51.37
CA GLU A 369 4.95 20.54 52.49
C GLU A 369 5.69 20.42 53.84
N ASP A 370 6.37 19.28 54.07
CA ASP A 370 7.12 18.96 55.29
C ASP A 370 8.30 19.90 55.51
N LYS A 371 9.02 20.23 54.43
CA LYS A 371 10.19 21.11 54.46
C LYS A 371 9.81 22.60 54.51
N ASN A 372 8.50 22.89 54.32
CA ASN A 372 7.89 24.23 54.34
C ASN A 372 8.55 25.21 53.37
N LEU A 373 8.48 24.87 52.08
CA LEU A 373 9.03 25.63 50.97
C LEU A 373 7.94 25.88 49.91
N GLU A 374 6.67 26.00 50.35
CA GLU A 374 5.50 26.22 49.50
C GLU A 374 5.56 27.57 48.79
N ARG A 375 6.13 28.60 49.45
CA ARG A 375 6.26 29.96 48.94
C ARG A 375 7.52 30.16 48.06
N ASN A 376 8.36 29.11 47.91
CA ASN A 376 9.59 29.17 47.13
C ASN A 376 9.67 28.12 46.01
N VAL A 377 9.28 26.86 46.30
CA VAL A 377 9.33 25.76 45.34
C VAL A 377 7.93 25.51 44.75
N PHE A 378 7.80 25.68 43.41
CA PHE A 378 6.53 25.51 42.71
C PHE A 378 6.61 24.48 41.58
N LEU A 379 5.89 23.34 41.72
CA LEU A 379 5.85 22.28 40.71
C LEU A 379 4.93 22.70 39.56
N LYS A 380 5.49 23.44 38.60
CA LYS A 380 4.81 24.00 37.42
C LYS A 380 4.15 22.98 36.45
N GLY A 381 4.25 21.69 36.78
CA GLY A 381 3.66 20.60 36.01
C GLY A 381 4.19 20.44 34.60
N TYR A 382 3.49 19.61 33.79
CA TYR A 382 3.84 19.32 32.39
C TYR A 382 3.88 20.57 31.51
N THR A 383 4.87 20.63 30.60
CA THR A 383 5.03 21.72 29.63
C THR A 383 5.08 21.20 28.19
N THR A 384 4.51 21.98 27.27
CA THR A 384 4.45 21.67 25.84
C THR A 384 5.41 22.59 25.09
N THR A 385 5.74 23.75 25.70
CA THR A 385 6.65 24.78 25.16
C THR A 385 7.85 24.92 26.12
N PRO A 386 8.78 23.93 26.21
CA PRO A 386 9.89 24.04 27.18
C PRO A 386 10.91 25.13 26.88
N GLN A 387 11.01 25.54 25.60
CA GLN A 387 11.93 26.61 25.18
C GLN A 387 11.49 27.95 25.76
N LYS A 388 10.17 28.20 25.83
CA LYS A 388 9.59 29.42 26.40
C LYS A 388 9.81 29.51 27.91
N CYS A 389 9.91 28.34 28.60
CA CYS A 389 10.16 28.22 30.04
C CYS A 389 11.57 28.67 30.37
N LEU A 390 12.55 28.28 29.53
CA LEU A 390 13.97 28.61 29.67
C LEU A 390 14.24 30.11 29.73
N GLU A 391 13.41 30.91 29.03
CA GLU A 391 13.50 32.37 28.99
C GLU A 391 13.39 32.94 30.40
N ASP A 392 12.51 32.32 31.23
CA ASP A 392 12.22 32.73 32.60
C ASP A 392 13.21 32.26 33.67
N PHE A 393 14.26 31.49 33.30
CA PHE A 393 15.22 31.00 34.28
C PHE A 393 16.51 31.79 34.30
N LYS A 394 17.07 32.00 35.50
CA LYS A 394 18.36 32.68 35.66
C LYS A 394 19.45 31.62 35.47
N LEU A 395 19.22 30.41 36.03
CA LEU A 395 20.10 29.24 35.92
C LEU A 395 19.31 27.94 36.04
N VAL A 396 19.81 26.86 35.40
CA VAL A 396 19.17 25.54 35.43
C VAL A 396 20.01 24.59 36.27
N VAL A 397 19.32 23.85 37.15
CA VAL A 397 19.93 22.92 38.09
C VAL A 397 19.54 21.45 37.75
N SER A 398 20.49 20.50 37.92
CA SER A 398 20.24 19.08 37.69
C SER A 398 20.89 18.14 38.70
N THR A 399 20.04 17.45 39.46
CA THR A 399 20.42 16.50 40.51
C THR A 399 20.58 15.07 39.98
N SER A 400 20.17 14.82 38.72
CA SER A 400 20.20 13.53 38.03
C SER A 400 21.45 12.70 38.35
N GLN A 401 21.24 11.44 38.80
CA GLN A 401 22.30 10.50 39.17
C GLN A 401 22.79 9.72 37.97
N TYR A 402 21.87 9.43 37.03
CA TYR A 402 22.15 8.64 35.83
C TYR A 402 21.66 9.36 34.59
N GLU A 403 22.54 9.51 33.59
CA GLU A 403 22.23 10.15 32.31
C GLU A 403 22.96 9.46 31.15
N GLY A 404 22.49 9.70 29.93
CA GLY A 404 23.10 9.16 28.71
C GLY A 404 24.05 10.16 28.08
N GLN A 405 23.68 11.44 28.17
CA GLN A 405 24.41 12.59 27.65
C GLN A 405 23.87 13.86 28.33
N GLY A 406 22.55 13.92 28.57
CA GLY A 406 21.91 15.05 29.20
C GLY A 406 21.67 16.22 28.26
N LEU A 407 21.03 15.91 27.12
CA LEU A 407 20.68 16.87 26.06
C LEU A 407 19.85 18.04 26.58
N SER A 408 19.04 17.78 27.63
CA SER A 408 18.19 18.74 28.34
C SER A 408 19.02 19.92 28.86
N MET A 409 20.20 19.63 29.44
CA MET A 409 21.13 20.63 29.94
C MET A 409 21.85 21.33 28.80
N ILE A 410 22.12 20.60 27.71
CA ILE A 410 22.75 21.14 26.52
C ILE A 410 21.79 22.16 25.90
N GLU A 411 20.50 21.77 25.78
CA GLU A 411 19.42 22.60 25.23
C GLU A 411 19.20 23.86 26.06
N ALA A 412 19.48 23.78 27.37
CA ALA A 412 19.39 24.90 28.30
C ALA A 412 20.50 25.89 28.05
N MET A 413 21.75 25.39 27.82
CA MET A 413 22.94 26.19 27.57
C MET A 413 22.88 26.99 26.26
N ILE A 414 22.14 26.47 25.26
CA ILE A 414 21.93 27.13 23.96
C ILE A 414 21.07 28.38 24.19
N SER A 415 20.13 28.30 25.15
CA SER A 415 19.27 29.42 25.52
C SER A 415 20.00 30.39 26.49
N LYS A 416 21.35 30.32 26.53
CA LYS A 416 22.25 31.14 27.35
C LYS A 416 21.97 31.05 28.86
N ARG A 417 21.55 29.87 29.34
CA ARG A 417 21.23 29.60 30.75
C ARG A 417 22.31 28.67 31.32
N PRO A 418 23.14 29.12 32.28
CA PRO A 418 24.20 28.24 32.81
C PRO A 418 23.63 27.07 33.61
N VAL A 419 24.34 25.92 33.56
CA VAL A 419 23.90 24.72 34.25
C VAL A 419 24.75 24.41 35.48
N VAL A 420 24.09 24.24 36.63
CA VAL A 420 24.74 23.84 37.89
C VAL A 420 24.21 22.43 38.14
N ALA A 421 25.03 21.41 37.88
CA ALA A 421 24.61 20.02 37.99
C ALA A 421 25.68 19.10 38.55
N PHE A 422 25.25 17.93 39.06
CA PHE A 422 26.13 16.89 39.62
C PHE A 422 26.91 16.19 38.53
N ASP A 423 28.25 16.06 38.69
CA ASP A 423 29.14 15.36 37.77
C ASP A 423 28.86 13.87 37.87
N ILE A 424 28.17 13.32 36.87
CA ILE A 424 27.75 11.93 36.82
C ILE A 424 28.04 11.26 35.48
N LYS A 425 27.73 9.94 35.42
CA LYS A 425 27.83 9.10 34.25
C LYS A 425 26.43 9.11 33.60
N TYR A 426 26.27 9.69 32.39
CA TYR A 426 27.33 10.30 31.56
C TYR A 426 26.84 11.63 30.99
N GLY A 427 27.78 12.47 30.56
CA GLY A 427 27.43 13.71 29.89
C GLY A 427 27.95 15.04 30.40
N PRO A 428 27.46 15.54 31.56
CA PRO A 428 27.86 16.89 32.04
C PRO A 428 29.32 17.29 31.90
N SER A 429 30.24 16.38 32.29
CA SER A 429 31.71 16.51 32.23
C SER A 429 32.22 17.00 30.85
N ASP A 430 31.55 16.58 29.76
CA ASP A 430 31.89 16.92 28.37
C ASP A 430 31.56 18.37 28.02
N PHE A 431 30.37 18.86 28.41
CA PHE A 431 29.92 20.19 28.05
C PHE A 431 29.94 21.29 29.10
N ILE A 432 30.03 20.93 30.40
CA ILE A 432 30.08 21.93 31.49
C ILE A 432 31.53 22.20 31.89
N GLU A 433 31.98 23.46 31.69
CA GLU A 433 33.31 23.92 32.08
C GLU A 433 33.14 24.60 33.43
N ASP A 434 33.51 23.88 34.52
CA ASP A 434 33.37 24.36 35.91
C ASP A 434 34.04 25.71 36.10
N ASN A 435 33.30 26.65 36.70
CA ASN A 435 33.70 28.04 36.96
C ASN A 435 34.12 28.77 35.66
N LYS A 436 33.33 28.55 34.58
CA LYS A 436 33.53 29.16 33.26
C LYS A 436 32.20 29.35 32.51
N ASN A 437 31.34 28.31 32.47
CA ASN A 437 30.03 28.33 31.81
C ASN A 437 28.90 27.66 32.63
N GLY A 438 29.24 27.31 33.86
CA GLY A 438 28.35 26.64 34.80
C GLY A 438 29.15 25.93 35.86
N TYR A 439 28.47 25.22 36.76
CA TYR A 439 29.13 24.50 37.83
C TYR A 439 28.94 23.00 37.83
N LEU A 440 30.07 22.28 37.77
CA LEU A 440 30.13 20.83 37.77
C LEU A 440 30.42 20.36 39.19
N ILE A 441 29.34 20.23 39.96
CA ILE A 441 29.32 19.83 41.37
C ILE A 441 29.71 18.36 41.53
N GLU A 442 30.54 18.06 42.53
CA GLU A 442 30.95 16.70 42.89
C GLU A 442 29.67 16.00 43.35
N ASN A 443 29.40 14.79 42.82
CA ASN A 443 28.18 14.03 43.12
C ASN A 443 27.81 13.95 44.61
N HIS A 444 26.50 14.07 44.91
CA HIS A 444 25.89 14.07 46.24
C HIS A 444 26.20 15.29 47.13
N ASN A 445 27.20 16.13 46.77
CA ASN A 445 27.57 17.32 47.55
C ASN A 445 26.54 18.45 47.42
N ILE A 446 25.39 18.27 48.10
CA ILE A 446 24.26 19.20 48.14
C ILE A 446 24.62 20.54 48.78
N ASN A 447 25.64 20.56 49.66
CA ASN A 447 26.13 21.77 50.34
C ASN A 447 26.93 22.63 49.37
N ASP A 448 27.76 21.99 48.49
CA ASP A 448 28.55 22.70 47.48
C ASP A 448 27.61 23.26 46.42
N MET A 449 26.60 22.46 45.98
CA MET A 449 25.60 22.87 45.00
C MET A 449 24.77 24.05 45.49
N ALA A 450 24.40 24.05 46.79
CA ALA A 450 23.65 25.13 47.41
C ALA A 450 24.42 26.44 47.34
N ASP A 451 25.73 26.41 47.69
CA ASP A 451 26.64 27.55 47.68
C ASP A 451 26.84 28.15 46.29
N LYS A 452 26.90 27.29 45.25
CA LYS A 452 27.11 27.72 43.87
C LYS A 452 25.86 28.32 43.23
N ILE A 453 24.65 27.85 43.63
CA ILE A 453 23.36 28.40 43.14
C ILE A 453 23.24 29.81 43.70
N LEU A 454 23.56 29.99 45.00
CA LEU A 454 23.52 31.27 45.70
C LEU A 454 24.48 32.28 45.08
N GLN A 455 25.70 31.82 44.71
CA GLN A 455 26.73 32.64 44.06
C GLN A 455 26.17 33.22 42.75
N LEU A 456 25.76 32.31 41.86
CA LEU A 456 25.22 32.58 40.53
C LEU A 456 23.88 33.32 40.50
N VAL A 457 22.92 32.92 41.36
CA VAL A 457 21.59 33.55 41.39
C VAL A 457 21.61 35.00 41.90
N ASN A 458 22.64 35.38 42.68
CA ASN A 458 22.80 36.74 43.22
C ASN A 458 23.52 37.68 42.27
N ASN A 459 24.63 37.21 41.64
CA ASN A 459 25.38 38.05 40.69
C ASN A 459 24.79 37.97 39.28
N ASP A 460 24.14 39.07 38.85
CA ASP A 460 23.51 39.22 37.52
C ASP A 460 24.56 39.29 36.42
N VAL A 461 25.80 39.69 36.78
CA VAL A 461 26.96 39.79 35.90
C VAL A 461 27.41 38.38 35.53
N LEU A 462 27.61 37.50 36.54
CA LEU A 462 28.02 36.10 36.39
C LEU A 462 27.01 35.29 35.58
N ALA A 463 25.71 35.40 35.94
CA ALA A 463 24.60 34.69 35.29
C ALA A 463 24.53 34.97 33.79
N ALA A 464 24.90 36.19 33.37
CA ALA A 464 24.91 36.60 31.97
C ALA A 464 26.19 36.17 31.27
N GLU A 465 27.34 36.26 31.97
CA GLU A 465 28.66 35.90 31.44
C GLU A 465 28.80 34.39 31.25
N PHE A 466 28.42 33.59 32.26
CA PHE A 466 28.47 32.12 32.24
C PHE A 466 27.47 31.54 31.24
N GLY A 467 26.33 32.19 31.09
CA GLY A 467 25.29 31.80 30.15
C GLY A 467 25.67 31.98 28.70
N SER A 468 26.34 33.10 28.38
CA SER A 468 26.82 33.42 27.03
C SER A 468 27.96 32.49 26.65
N LYS A 469 28.88 32.22 27.60
CA LYS A 469 30.03 31.31 27.43
C LYS A 469 29.57 29.85 27.24
N ALA A 470 28.36 29.54 27.77
CA ALA A 470 27.70 28.22 27.70
C ALA A 470 27.26 27.94 26.28
N ARG A 471 26.55 28.91 25.65
CA ARG A 471 26.09 28.79 24.26
C ARG A 471 27.29 28.72 23.30
N GLU A 472 28.27 29.64 23.46
CA GLU A 472 29.50 29.71 22.65
C GLU A 472 30.18 28.33 22.62
N ASN A 473 30.16 27.64 23.77
CA ASN A 473 30.74 26.31 23.95
C ASN A 473 30.02 25.19 23.19
N ILE A 474 28.68 25.07 23.35
CA ILE A 474 27.86 24.05 22.70
C ILE A 474 28.04 24.12 21.19
N ILE A 475 27.96 25.35 20.63
CA ILE A 475 28.12 25.66 19.20
C ILE A 475 29.44 25.12 18.67
N GLU A 476 30.51 25.29 19.46
CA GLU A 476 31.85 24.83 19.13
C GLU A 476 31.90 23.31 19.03
N LYS A 477 31.64 22.64 20.16
CA LYS A 477 31.74 21.17 20.30
C LYS A 477 30.75 20.38 19.44
N TYR A 478 29.45 20.70 19.57
CA TYR A 478 28.32 20.01 18.94
C TYR A 478 27.90 20.44 17.51
N SER A 479 28.93 20.68 16.67
CA SER A 479 28.79 21.07 15.27
C SER A 479 28.10 19.96 14.48
N THR A 480 26.91 20.28 13.97
CA THR A 480 26.02 19.40 13.22
C THR A 480 26.68 18.82 11.97
N GLU A 481 27.50 19.62 11.27
CA GLU A 481 28.23 19.17 10.09
C GLU A 481 29.17 18.02 10.45
N SER A 482 29.98 18.20 11.50
CA SER A 482 30.96 17.23 11.97
C SER A 482 30.35 15.91 12.49
N ILE A 483 29.20 15.97 13.23
CA ILE A 483 28.49 14.80 13.77
C ILE A 483 28.02 13.96 12.58
N LEU A 484 27.55 14.64 11.52
CA LEU A 484 27.10 13.99 10.30
C LEU A 484 28.26 13.31 9.59
N GLU A 485 29.44 13.98 9.57
CA GLU A 485 30.66 13.46 8.97
C GLU A 485 31.12 12.22 9.71
N LYS A 486 30.94 12.22 11.05
CA LYS A 486 31.27 11.10 11.93
C LYS A 486 30.48 9.82 11.52
N TRP A 487 29.16 9.98 11.26
CA TRP A 487 28.25 8.93 10.83
C TRP A 487 28.68 8.40 9.46
N LEU A 488 28.88 9.32 8.49
CA LEU A 488 29.25 9.03 7.11
C LEU A 488 30.50 8.19 7.08
N ASN A 489 31.53 8.57 7.88
CA ASN A 489 32.80 7.85 7.98
C ASN A 489 32.52 6.37 8.36
N LEU A 490 31.63 6.18 9.35
CA LEU A 490 31.23 4.90 9.88
C LEU A 490 30.48 4.06 8.85
N PHE A 491 29.56 4.68 8.07
CA PHE A 491 28.78 4.00 7.05
C PHE A 491 29.66 3.57 5.85
N ASN A 492 30.39 4.55 5.30
CA ASN A 492 31.29 4.38 4.16
C ASN A 492 32.51 3.45 4.46
N SER A 493 32.79 3.17 5.75
CA SER A 493 33.89 2.29 6.14
C SER A 493 33.54 0.84 5.87
N MET B 1 -0.26 -20.79 -47.73
CA MET B 1 -1.50 -21.52 -47.44
C MET B 1 -1.81 -21.66 -45.92
N LYS B 2 -0.93 -21.09 -45.04
CA LYS B 2 -1.09 -21.06 -43.59
C LYS B 2 -2.28 -20.19 -43.22
N LYS B 3 -3.05 -20.59 -42.22
CA LYS B 3 -4.24 -19.85 -41.77
C LYS B 3 -4.27 -19.92 -40.24
N ILE B 4 -4.36 -18.75 -39.60
CA ILE B 4 -4.33 -18.60 -38.14
C ILE B 4 -5.71 -18.32 -37.55
N PHE B 5 -5.93 -18.86 -36.31
CA PHE B 5 -7.14 -18.75 -35.48
C PHE B 5 -6.76 -18.29 -34.09
N MET B 6 -7.09 -17.02 -33.75
CA MET B 6 -6.79 -16.44 -32.44
C MET B 6 -7.98 -16.50 -31.50
N MET B 7 -7.78 -17.10 -30.34
CA MET B 7 -8.87 -17.31 -29.41
C MET B 7 -8.92 -16.46 -28.20
N VAL B 8 -10.12 -15.96 -27.97
CA VAL B 8 -10.51 -15.13 -26.85
C VAL B 8 -12.00 -15.39 -26.63
N HIS B 9 -12.45 -15.36 -25.36
CA HIS B 9 -13.84 -15.63 -25.05
C HIS B 9 -14.80 -14.71 -25.76
N GLU B 10 -14.60 -13.40 -25.63
CA GLU B 10 -15.49 -12.43 -26.28
C GLU B 10 -14.78 -11.23 -26.88
N LEU B 11 -15.52 -10.50 -27.73
CA LEU B 11 -15.06 -9.24 -28.31
C LEU B 11 -16.09 -8.14 -28.04
N ASP B 12 -15.60 -6.92 -27.72
CA ASP B 12 -16.46 -5.77 -27.47
C ASP B 12 -15.77 -4.43 -27.73
N VAL B 13 -16.57 -3.39 -27.97
CA VAL B 13 -16.11 -2.04 -28.23
C VAL B 13 -15.41 -1.38 -27.03
N ASN B 14 -15.87 -1.71 -25.83
CA ASN B 14 -15.28 -1.20 -24.60
C ASN B 14 -13.96 -1.91 -24.33
N LYS B 15 -13.97 -3.27 -24.37
CA LYS B 15 -12.86 -4.23 -24.12
C LYS B 15 -11.55 -3.76 -24.70
N GLY B 16 -10.49 -3.95 -23.93
CA GLY B 16 -9.16 -3.52 -24.36
C GLY B 16 -8.04 -4.43 -23.95
N GLY B 17 -6.84 -3.85 -24.00
CA GLY B 17 -5.58 -4.50 -23.66
C GLY B 17 -5.18 -5.59 -24.63
N MET B 18 -5.50 -6.84 -24.27
CA MET B 18 -5.21 -8.02 -25.05
C MET B 18 -5.84 -7.95 -26.45
N THR B 19 -7.14 -7.60 -26.52
CA THR B 19 -7.84 -7.49 -27.81
C THR B 19 -7.11 -6.56 -28.76
N SER B 20 -6.63 -5.40 -28.25
CA SER B 20 -5.90 -4.40 -29.02
C SER B 20 -4.70 -5.04 -29.72
N SER B 21 -3.92 -5.84 -28.95
CA SER B 21 -2.75 -6.57 -29.42
C SER B 21 -3.17 -7.56 -30.49
N MET B 22 -4.17 -8.43 -30.18
CA MET B 22 -4.72 -9.42 -31.10
C MET B 22 -5.13 -8.80 -32.41
N PHE B 23 -5.81 -7.62 -32.35
CA PHE B 23 -6.29 -6.88 -33.51
C PHE B 23 -5.15 -6.47 -34.40
N ASN B 24 -4.05 -5.98 -33.77
CA ASN B 24 -2.83 -5.54 -34.47
C ASN B 24 -1.99 -6.72 -34.99
N ARG B 25 -1.91 -7.80 -34.19
CA ARG B 25 -1.20 -9.01 -34.58
C ARG B 25 -1.87 -9.55 -35.83
N SER B 26 -3.23 -9.47 -35.91
CA SER B 26 -4.01 -9.90 -37.07
C SER B 26 -3.66 -9.07 -38.30
N LYS B 27 -3.47 -7.74 -38.14
CA LYS B 27 -3.11 -6.85 -39.25
C LYS B 27 -1.79 -7.31 -39.84
N GLU B 28 -0.76 -7.47 -38.98
CA GLU B 28 0.57 -7.88 -39.38
C GLU B 28 0.58 -9.21 -40.12
N PHE B 29 -0.15 -10.21 -39.62
CA PHE B 29 -0.23 -11.51 -40.30
C PHE B 29 -0.98 -11.42 -41.61
N TYR B 30 -2.02 -10.59 -41.68
CA TYR B 30 -2.78 -10.41 -42.91
C TYR B 30 -1.89 -9.70 -43.95
N ASP B 31 -1.06 -8.74 -43.48
CA ASP B 31 -0.08 -7.99 -44.29
C ASP B 31 1.00 -8.94 -44.82
N ALA B 32 1.37 -9.93 -44.00
CA ALA B 32 2.33 -10.99 -44.33
C ALA B 32 1.65 -12.14 -45.12
N ASP B 33 0.38 -11.94 -45.53
CA ASP B 33 -0.44 -12.88 -46.27
C ASP B 33 -0.82 -14.19 -45.59
N ILE B 34 -0.91 -14.15 -44.27
CA ILE B 34 -1.36 -15.28 -43.46
C ILE B 34 -2.65 -14.78 -42.81
N PRO B 35 -3.86 -15.18 -43.28
CA PRO B 35 -5.08 -14.68 -42.62
C PRO B 35 -5.13 -15.10 -41.17
N ALA B 36 -5.15 -14.11 -40.27
CA ALA B 36 -5.21 -14.33 -38.84
C ALA B 36 -6.57 -13.83 -38.34
N ASP B 37 -7.49 -14.76 -38.04
CA ASP B 37 -8.85 -14.40 -37.61
C ASP B 37 -9.09 -14.66 -36.14
N ILE B 38 -10.12 -13.98 -35.56
CA ILE B 38 -10.45 -14.14 -34.13
C ILE B 38 -11.61 -15.10 -33.91
N VAL B 39 -11.51 -15.97 -32.88
CA VAL B 39 -12.56 -16.94 -32.54
C VAL B 39 -13.10 -16.68 -31.15
N THR B 40 -14.43 -16.41 -31.04
CA THR B 40 -15.15 -16.14 -29.78
C THR B 40 -16.17 -17.22 -29.37
N PHE B 41 -16.40 -17.34 -28.05
CA PHE B 41 -17.27 -18.36 -27.49
C PHE B 41 -18.52 -17.90 -26.69
N ASP B 42 -18.89 -16.63 -26.85
CA ASP B 42 -20.01 -16.07 -26.12
C ASP B 42 -21.24 -15.76 -27.00
N TYR B 43 -22.44 -15.61 -26.34
CA TYR B 43 -23.65 -15.19 -27.05
C TYR B 43 -23.76 -13.67 -26.98
N LYS B 44 -24.08 -13.07 -28.13
CA LYS B 44 -24.37 -11.65 -28.34
C LYS B 44 -25.37 -11.57 -29.50
N GLY B 45 -26.51 -10.93 -29.24
CA GLY B 45 -27.57 -10.80 -30.23
C GLY B 45 -27.30 -9.68 -31.23
N ASN B 46 -26.28 -8.86 -30.95
CA ASN B 46 -25.89 -7.71 -31.77
C ASN B 46 -24.42 -7.78 -32.17
N TYR B 47 -23.80 -8.99 -32.23
CA TYR B 47 -22.36 -9.12 -32.58
C TYR B 47 -21.97 -8.32 -33.83
N ASP B 48 -22.82 -8.38 -34.87
CA ASP B 48 -22.71 -7.69 -36.15
C ASP B 48 -22.47 -6.21 -35.87
N GLU B 49 -23.38 -5.57 -35.10
CA GLU B 49 -23.30 -4.17 -34.69
C GLU B 49 -21.97 -3.88 -33.96
N ILE B 50 -21.50 -4.82 -33.08
CA ILE B 50 -20.24 -4.66 -32.34
C ILE B 50 -19.07 -4.64 -33.30
N ILE B 51 -18.91 -5.70 -34.12
CA ILE B 51 -17.83 -5.82 -35.09
C ILE B 51 -17.83 -4.65 -36.04
N LYS B 52 -19.00 -4.34 -36.63
CA LYS B 52 -19.21 -3.20 -37.54
C LYS B 52 -18.64 -1.92 -36.94
N ALA B 53 -18.93 -1.67 -35.65
CA ALA B 53 -18.46 -0.52 -34.89
C ALA B 53 -16.97 -0.57 -34.61
N LEU B 54 -16.42 -1.75 -34.22
CA LEU B 54 -15.00 -1.96 -33.93
C LEU B 54 -14.17 -1.60 -35.14
N LYS B 55 -14.63 -2.04 -36.33
CA LYS B 55 -13.98 -1.79 -37.59
C LYS B 55 -14.15 -0.34 -38.05
N LYS B 56 -15.32 0.29 -37.75
CA LYS B 56 -15.56 1.69 -38.10
C LYS B 56 -14.64 2.57 -37.28
N GLN B 57 -14.54 2.31 -35.96
CA GLN B 57 -13.66 3.03 -35.03
C GLN B 57 -12.18 2.80 -35.31
N GLY B 58 -11.89 1.87 -36.21
CA GLY B 58 -10.53 1.52 -36.61
C GLY B 58 -9.75 0.73 -35.57
N LYS B 59 -10.44 0.18 -34.57
CA LYS B 59 -9.82 -0.62 -33.52
C LYS B 59 -9.45 -2.01 -34.05
N MET B 60 -10.33 -2.55 -34.92
CA MET B 60 -10.20 -3.86 -35.55
C MET B 60 -10.00 -3.67 -37.04
N ASP B 61 -9.06 -4.46 -37.63
CA ASP B 61 -8.77 -4.39 -39.06
C ASP B 61 -9.96 -4.85 -39.90
N ARG B 62 -10.19 -4.23 -41.04
CA ARG B 62 -11.28 -4.59 -41.96
C ARG B 62 -11.20 -6.06 -42.40
N ARG B 63 -9.98 -6.58 -42.61
CA ARG B 63 -9.73 -7.95 -43.05
C ARG B 63 -10.01 -9.00 -42.00
N THR B 64 -9.70 -8.70 -40.72
CA THR B 64 -9.90 -9.60 -39.58
C THR B 64 -11.35 -10.06 -39.55
N LYS B 65 -11.56 -11.37 -39.43
CA LYS B 65 -12.88 -11.97 -39.32
C LYS B 65 -13.05 -12.43 -37.88
N MET B 66 -14.31 -12.50 -37.43
CA MET B 66 -14.57 -13.04 -36.11
C MET B 66 -15.50 -14.25 -36.18
N TYR B 67 -14.95 -15.41 -35.84
CA TYR B 67 -15.68 -16.66 -35.80
C TYR B 67 -16.33 -16.83 -34.45
N ASN B 68 -17.63 -17.14 -34.45
CA ASN B 68 -18.33 -17.31 -33.18
C ASN B 68 -19.19 -18.54 -33.17
N VAL B 69 -19.01 -19.36 -32.13
CA VAL B 69 -19.69 -20.63 -31.94
C VAL B 69 -21.20 -20.59 -32.26
N PHE B 70 -21.92 -19.64 -31.66
CA PHE B 70 -23.36 -19.50 -31.86
C PHE B 70 -23.71 -18.93 -33.21
N GLU B 71 -22.88 -17.99 -33.72
CA GLU B 71 -23.08 -17.38 -35.04
C GLU B 71 -22.86 -18.43 -36.12
N TYR B 72 -22.13 -19.51 -35.77
CA TYR B 72 -21.82 -20.60 -36.67
C TYR B 72 -23.08 -21.38 -36.95
N PHE B 73 -23.68 -21.95 -35.90
CA PHE B 73 -24.90 -22.73 -35.98
C PHE B 73 -26.07 -21.88 -36.39
N LYS B 74 -25.98 -20.55 -36.14
CA LYS B 74 -27.01 -19.60 -36.57
C LYS B 74 -27.04 -19.59 -38.09
N GLN B 75 -25.86 -19.59 -38.73
CA GLN B 75 -25.81 -19.61 -40.19
C GLN B 75 -26.30 -20.92 -40.76
N ILE B 76 -25.99 -22.05 -40.09
CA ILE B 76 -26.47 -23.39 -40.49
C ILE B 76 -28.01 -23.41 -40.47
N SER B 77 -28.60 -22.80 -39.43
CA SER B 77 -30.02 -22.66 -39.23
C SER B 77 -30.62 -21.77 -40.32
N ASN B 78 -29.94 -20.64 -40.64
CA ASN B 78 -30.40 -19.67 -41.64
C ASN B 78 -30.55 -20.35 -42.98
N ASN B 79 -29.51 -21.11 -43.37
CA ASN B 79 -29.44 -21.82 -44.64
C ASN B 79 -30.47 -22.93 -44.77
N LYS B 80 -30.95 -23.46 -43.62
CA LYS B 80 -31.96 -24.51 -43.58
C LYS B 80 -33.35 -23.95 -43.87
N HIS B 81 -33.54 -22.64 -43.63
CA HIS B 81 -34.84 -22.00 -43.79
C HIS B 81 -35.09 -21.11 -44.98
N PHE B 82 -36.36 -21.10 -45.35
CA PHE B 82 -37.03 -20.50 -46.50
C PHE B 82 -37.71 -19.17 -46.14
N LYS B 83 -38.75 -19.26 -45.28
CA LYS B 83 -39.64 -18.21 -44.83
C LYS B 83 -39.45 -17.98 -43.37
N SER B 84 -39.93 -16.83 -42.87
CA SER B 84 -39.86 -16.48 -41.47
C SER B 84 -40.70 -17.45 -40.63
N ASN B 85 -40.28 -17.70 -39.37
CA ASN B 85 -40.95 -18.55 -38.41
C ASN B 85 -42.17 -17.78 -37.89
N LYS B 86 -43.20 -17.72 -38.77
CA LYS B 86 -44.44 -17.00 -38.55
C LYS B 86 -45.17 -17.53 -37.33
N LEU B 87 -45.10 -18.86 -37.13
CA LEU B 87 -45.78 -19.52 -36.01
C LEU B 87 -45.33 -19.04 -34.65
N LEU B 88 -44.05 -18.63 -34.53
CA LEU B 88 -43.53 -18.15 -33.25
C LEU B 88 -44.12 -16.78 -32.90
N TYR B 89 -44.08 -15.85 -33.87
CA TYR B 89 -44.60 -14.50 -33.70
C TYR B 89 -46.09 -14.54 -33.52
N LYS B 90 -46.76 -15.58 -34.09
CA LYS B 90 -48.20 -15.79 -33.94
C LYS B 90 -48.49 -16.22 -32.49
N HIS B 91 -47.67 -17.14 -31.95
CA HIS B 91 -47.73 -17.65 -30.58
C HIS B 91 -47.63 -16.48 -29.58
N ILE B 92 -46.61 -15.60 -29.79
CA ILE B 92 -46.35 -14.43 -28.93
C ILE B 92 -47.55 -13.49 -28.98
N SER B 93 -48.02 -13.15 -30.19
CA SER B 93 -49.14 -12.24 -30.36
C SER B 93 -50.45 -12.78 -29.83
N GLU B 94 -50.66 -14.11 -29.95
CA GLU B 94 -51.88 -14.77 -29.47
C GLU B 94 -51.96 -14.67 -27.96
N ARG B 95 -50.80 -14.71 -27.25
CA ARG B 95 -50.69 -14.60 -25.79
C ARG B 95 -51.19 -13.27 -25.32
N LEU B 96 -50.95 -12.22 -26.10
CA LEU B 96 -51.33 -10.85 -25.82
C LEU B 96 -52.70 -10.48 -26.41
N LYS B 97 -53.56 -11.48 -26.67
CA LYS B 97 -54.86 -11.30 -27.32
C LYS B 97 -55.86 -10.36 -26.64
N ASN B 98 -56.86 -10.89 -25.89
CA ASN B 98 -57.82 -9.98 -25.28
C ASN B 98 -57.26 -9.40 -23.97
N THR B 99 -56.44 -8.36 -24.12
CA THR B 99 -55.74 -7.74 -23.01
C THR B 99 -55.98 -6.25 -23.00
N ILE B 100 -55.75 -5.63 -21.83
CA ILE B 100 -55.84 -4.19 -21.60
C ILE B 100 -54.43 -3.70 -21.25
N GLU B 101 -54.03 -2.53 -21.81
CA GLU B 101 -52.69 -1.97 -21.65
C GLU B 101 -52.63 -0.91 -20.59
N ILE B 102 -51.76 -1.08 -19.61
CA ILE B 102 -51.56 -0.09 -18.56
C ILE B 102 -50.12 0.43 -18.63
N GLU B 103 -49.94 1.60 -19.26
CA GLU B 103 -48.65 2.28 -19.42
C GLU B 103 -48.09 2.75 -18.10
N GLU B 104 -46.81 2.50 -17.86
CA GLU B 104 -46.16 2.92 -16.63
C GLU B 104 -45.25 4.09 -16.93
N SER B 105 -44.42 3.95 -17.98
CA SER B 105 -43.46 4.94 -18.46
C SER B 105 -43.65 5.08 -19.96
N LYS B 106 -42.58 5.45 -20.71
CA LYS B 106 -42.67 5.61 -22.16
C LYS B 106 -42.77 4.23 -22.81
N GLY B 107 -41.67 3.47 -22.78
CA GLY B 107 -41.58 2.13 -23.36
C GLY B 107 -42.32 1.08 -22.57
N ILE B 108 -42.26 1.19 -21.23
CA ILE B 108 -42.90 0.29 -20.27
C ILE B 108 -44.44 0.35 -20.30
N SER B 109 -45.07 -0.83 -20.50
CA SER B 109 -46.53 -1.07 -20.55
C SER B 109 -46.81 -2.47 -20.02
N ARG B 110 -47.96 -2.63 -19.35
CA ARG B 110 -48.37 -3.91 -18.80
C ARG B 110 -49.66 -4.37 -19.41
N TYR B 111 -49.80 -5.68 -19.58
CA TYR B 111 -50.94 -6.27 -20.26
C TYR B 111 -51.71 -7.22 -19.37
N PHE B 112 -53.00 -6.91 -19.16
CA PHE B 112 -53.90 -7.71 -18.31
C PHE B 112 -55.06 -8.23 -19.12
N ASP B 113 -55.46 -9.48 -18.88
CA ASP B 113 -56.58 -10.12 -19.58
C ASP B 113 -57.90 -9.40 -19.32
N ILE B 114 -58.57 -8.90 -20.39
CA ILE B 114 -59.86 -8.21 -20.22
C ILE B 114 -60.93 -9.10 -19.59
N THR B 115 -61.08 -10.34 -20.02
CA THR B 115 -62.10 -11.18 -19.39
C THR B 115 -61.86 -11.52 -17.90
N THR B 116 -60.64 -11.95 -17.59
CA THR B 116 -60.26 -12.41 -16.26
C THR B 116 -59.53 -11.45 -15.31
N GLY B 117 -58.73 -10.55 -15.85
CA GLY B 117 -58.00 -9.58 -15.04
C GLY B 117 -56.63 -10.07 -14.62
N THR B 118 -56.23 -11.25 -15.10
CA THR B 118 -54.93 -11.86 -14.83
C THR B 118 -53.84 -11.03 -15.50
N TYR B 119 -52.69 -10.92 -14.84
CA TYR B 119 -51.52 -10.22 -15.34
C TYR B 119 -50.88 -11.10 -16.41
N ILE B 120 -50.87 -10.63 -17.66
CA ILE B 120 -50.37 -11.39 -18.80
C ILE B 120 -48.90 -11.13 -19.13
N ALA B 121 -48.60 -9.85 -19.44
CA ALA B 121 -47.27 -9.50 -19.89
C ALA B 121 -46.79 -8.13 -19.51
N TYR B 122 -45.46 -8.01 -19.45
CA TYR B 122 -44.71 -6.78 -19.25
C TYR B 122 -43.91 -6.57 -20.54
N ILE B 123 -43.99 -5.36 -21.10
CA ILE B 123 -43.27 -5.02 -22.32
C ILE B 123 -42.48 -3.70 -22.14
N ARG B 124 -41.16 -3.73 -22.43
CA ARG B 124 -40.29 -2.57 -22.34
C ARG B 124 -39.56 -2.32 -23.67
N LYS B 125 -40.00 -1.30 -24.43
CA LYS B 125 -39.41 -0.93 -25.71
C LYS B 125 -38.30 0.09 -25.46
N SER B 126 -37.18 -0.01 -26.23
CA SER B 126 -36.01 0.84 -26.05
C SER B 126 -35.16 1.05 -27.32
N LYS B 127 -35.70 1.85 -28.26
CA LYS B 127 -35.08 2.20 -29.55
C LYS B 127 -35.00 1.07 -30.56
N SER B 128 -34.11 0.09 -30.33
CA SER B 128 -33.94 -1.06 -31.21
C SER B 128 -34.32 -2.36 -30.49
N GLU B 129 -34.03 -2.43 -29.18
CA GLU B 129 -34.33 -3.60 -28.37
C GLU B 129 -35.70 -3.47 -27.70
N LYS B 130 -36.45 -4.57 -27.70
CA LYS B 130 -37.75 -4.75 -27.06
C LYS B 130 -37.66 -6.00 -26.17
N VAL B 131 -38.34 -5.94 -25.03
CA VAL B 131 -38.40 -7.07 -24.13
C VAL B 131 -39.85 -7.44 -23.78
N ILE B 132 -40.21 -8.72 -23.94
CA ILE B 132 -41.56 -9.18 -23.54
C ILE B 132 -41.41 -10.22 -22.43
N ASP B 133 -41.98 -9.92 -21.25
CA ASP B 133 -41.98 -10.86 -20.15
C ASP B 133 -43.36 -11.45 -19.99
N PHE B 134 -43.44 -12.80 -19.98
CA PHE B 134 -44.71 -13.48 -19.78
C PHE B 134 -44.81 -14.02 -18.40
N PHE B 135 -45.98 -13.83 -17.80
CA PHE B 135 -46.29 -14.24 -16.44
C PHE B 135 -47.25 -15.38 -16.43
N LYS B 136 -47.23 -16.12 -15.33
CA LYS B 136 -48.08 -17.26 -15.04
C LYS B 136 -48.23 -17.35 -13.55
N ASP B 137 -49.50 -17.28 -13.11
CA ASP B 137 -49.92 -17.26 -11.71
C ASP B 137 -49.15 -16.16 -10.96
N ASN B 138 -49.13 -14.98 -11.62
CA ASN B 138 -48.54 -13.70 -11.24
C ASN B 138 -47.02 -13.67 -11.17
N LYS B 139 -46.35 -14.68 -11.76
CA LYS B 139 -44.90 -14.75 -11.73
C LYS B 139 -44.28 -14.85 -13.13
N ARG B 140 -43.27 -14.02 -13.43
CA ARG B 140 -42.58 -14.08 -14.74
C ARG B 140 -41.94 -15.46 -14.94
N ILE B 141 -42.23 -16.05 -16.11
CA ILE B 141 -41.75 -17.38 -16.50
C ILE B 141 -40.91 -17.37 -17.77
N GLU B 142 -41.10 -16.34 -18.59
CA GLU B 142 -40.43 -16.24 -19.87
C GLU B 142 -40.07 -14.82 -20.28
N ARG B 143 -38.94 -14.67 -20.99
CA ARG B 143 -38.53 -13.41 -21.57
C ARG B 143 -37.99 -13.46 -22.99
N PHE B 144 -38.88 -13.03 -23.91
CA PHE B 144 -38.60 -12.87 -25.31
C PHE B 144 -37.86 -11.54 -25.49
N SER B 145 -36.67 -11.61 -26.12
CA SER B 145 -35.76 -10.51 -26.38
C SER B 145 -35.63 -10.28 -27.88
N PHE B 146 -35.98 -9.06 -28.30
CA PHE B 146 -36.00 -8.64 -29.71
C PHE B 146 -34.97 -7.57 -30.00
N ILE B 147 -34.46 -7.55 -31.24
CA ILE B 147 -33.56 -6.55 -31.78
C ILE B 147 -34.12 -6.23 -33.13
N ASP B 148 -34.54 -4.97 -33.32
CA ASP B 148 -35.17 -4.46 -34.54
C ASP B 148 -36.47 -5.23 -34.80
N ASN B 149 -37.26 -5.42 -33.74
CA ASN B 149 -38.54 -6.12 -33.71
C ASN B 149 -38.54 -7.61 -34.11
N LYS B 150 -37.35 -8.17 -34.32
CA LYS B 150 -37.14 -9.57 -34.65
C LYS B 150 -36.59 -10.24 -33.39
N VAL B 151 -37.24 -11.34 -32.93
CA VAL B 151 -36.79 -12.08 -31.74
C VAL B 151 -35.48 -12.83 -32.00
N HIS B 152 -34.54 -12.74 -31.05
CA HIS B 152 -33.25 -13.40 -31.13
C HIS B 152 -33.01 -14.40 -30.02
N MET B 153 -33.70 -14.23 -28.87
CA MET B 153 -33.47 -15.09 -27.72
C MET B 153 -34.68 -15.10 -26.80
N LYS B 154 -34.93 -16.24 -26.18
CA LYS B 154 -35.98 -16.46 -25.18
C LYS B 154 -35.33 -17.06 -23.92
N GLU B 155 -35.82 -16.66 -22.72
CA GLU B 155 -35.33 -17.16 -21.43
C GLU B 155 -36.46 -17.61 -20.53
N THR B 156 -36.24 -18.74 -19.85
CA THR B 156 -37.18 -19.32 -18.90
C THR B 156 -36.67 -19.02 -17.50
N PHE B 157 -37.57 -18.67 -16.58
CA PHE B 157 -37.22 -18.31 -15.21
C PHE B 157 -37.78 -19.28 -14.22
N ASN B 158 -36.98 -19.58 -13.18
CA ASN B 158 -37.33 -20.46 -12.08
C ASN B 158 -38.24 -19.75 -11.06
N VAL B 159 -38.48 -20.43 -9.93
CA VAL B 159 -39.31 -19.94 -8.81
C VAL B 159 -38.75 -18.73 -8.15
N ASP B 160 -37.41 -18.59 -8.12
CA ASP B 160 -36.76 -17.42 -7.56
C ASP B 160 -36.56 -16.37 -8.66
N ASN B 161 -37.34 -16.47 -9.77
CA ASN B 161 -37.30 -15.61 -10.94
C ASN B 161 -35.84 -15.45 -11.42
N LYS B 162 -35.20 -16.55 -11.77
CA LYS B 162 -33.81 -16.62 -12.20
C LYS B 162 -33.72 -17.48 -13.47
N VAL B 163 -32.89 -17.07 -14.48
CA VAL B 163 -32.72 -17.83 -15.73
C VAL B 163 -32.22 -19.25 -15.50
N CYS B 164 -33.05 -20.22 -15.87
CA CYS B 164 -32.72 -21.63 -15.77
C CYS B 164 -32.54 -22.26 -17.15
N TYR B 165 -32.92 -21.53 -18.24
CA TYR B 165 -32.86 -22.08 -19.60
C TYR B 165 -32.94 -21.02 -20.70
N GLN B 166 -32.05 -21.15 -21.72
CA GLN B 166 -31.98 -20.24 -22.87
C GLN B 166 -32.27 -20.93 -24.19
N VAL B 167 -32.76 -20.17 -25.17
CA VAL B 167 -33.08 -20.60 -26.53
C VAL B 167 -32.65 -19.42 -27.40
N PHE B 168 -31.86 -19.73 -28.41
CA PHE B 168 -31.38 -18.75 -29.35
C PHE B 168 -32.04 -18.99 -30.69
N TYR B 169 -32.51 -17.90 -31.31
CA TYR B 169 -33.16 -17.90 -32.62
C TYR B 169 -32.31 -17.26 -33.70
N ASP B 170 -32.48 -17.81 -34.92
CA ASP B 170 -31.79 -17.41 -36.13
C ASP B 170 -32.44 -16.17 -36.74
N GLU B 171 -31.94 -15.74 -37.93
CA GLU B 171 -32.42 -14.56 -38.67
C GLU B 171 -33.84 -14.67 -39.20
N LYS B 172 -34.49 -15.83 -39.03
CA LYS B 172 -35.89 -16.07 -39.42
C LYS B 172 -36.81 -16.36 -38.21
N GLY B 173 -36.24 -16.40 -37.01
CA GLY B 173 -36.99 -16.68 -35.80
C GLY B 173 -36.99 -18.14 -35.39
N TYR B 174 -36.31 -19.02 -36.15
CA TYR B 174 -36.24 -20.43 -35.83
C TYR B 174 -35.22 -20.72 -34.73
N PRO B 175 -35.52 -21.65 -33.80
CA PRO B 175 -34.55 -21.98 -32.75
C PRO B 175 -33.41 -22.88 -33.24
N TYR B 176 -32.14 -22.53 -32.94
CA TYR B 176 -30.98 -23.35 -33.37
C TYR B 176 -30.27 -24.02 -32.20
N ILE B 177 -30.17 -23.29 -31.09
CA ILE B 177 -29.51 -23.78 -29.86
C ILE B 177 -30.42 -23.44 -28.72
N SER B 178 -30.41 -24.32 -27.70
CA SER B 178 -31.03 -24.15 -26.41
C SER B 178 -30.05 -24.72 -25.38
N ARG B 179 -30.15 -24.25 -24.13
CA ARG B 179 -29.25 -24.71 -23.08
C ARG B 179 -29.76 -24.46 -21.69
N ASN B 180 -29.42 -25.38 -20.80
CA ASN B 180 -29.78 -25.23 -19.40
C ASN B 180 -28.80 -24.28 -18.70
N ILE B 181 -29.34 -23.41 -17.84
CA ILE B 181 -28.52 -22.50 -17.06
C ILE B 181 -28.70 -22.79 -15.58
N ASN B 182 -27.57 -23.08 -14.85
CA ASN B 182 -27.70 -23.27 -13.40
C ASN B 182 -28.10 -21.92 -12.79
N ALA B 183 -29.33 -21.84 -12.23
CA ALA B 183 -29.87 -20.57 -11.75
C ALA B 183 -29.05 -19.94 -10.65
N ASN B 184 -28.43 -20.76 -9.78
CA ASN B 184 -27.60 -20.30 -8.66
C ASN B 184 -26.36 -19.55 -9.15
N ASN B 185 -25.41 -20.28 -9.76
CA ASN B 185 -24.12 -19.76 -10.23
C ASN B 185 -24.10 -19.15 -11.64
N GLY B 186 -25.14 -19.41 -12.43
CA GLY B 186 -25.20 -18.94 -13.81
C GLY B 186 -24.43 -19.78 -14.80
N ALA B 187 -23.96 -20.97 -14.39
CA ALA B 187 -23.19 -21.89 -15.21
C ALA B 187 -24.04 -22.47 -16.36
N VAL B 188 -23.42 -22.71 -17.53
CA VAL B 188 -24.10 -23.31 -18.69
C VAL B 188 -23.94 -24.84 -18.69
N GLY B 189 -25.06 -25.56 -18.56
CA GLY B 189 -25.08 -27.02 -18.61
C GLY B 189 -25.24 -27.59 -20.02
N LYS B 190 -26.12 -28.63 -20.15
CA LYS B 190 -26.47 -29.30 -21.41
C LYS B 190 -26.88 -28.29 -22.44
N THR B 191 -26.17 -28.31 -23.57
CA THR B 191 -26.41 -27.42 -24.70
C THR B 191 -26.96 -28.28 -25.84
N TYR B 192 -28.16 -27.94 -26.30
CA TYR B 192 -28.77 -28.67 -27.39
C TYR B 192 -28.76 -27.89 -28.69
N VAL B 193 -28.01 -28.39 -29.67
CA VAL B 193 -27.92 -27.84 -31.02
C VAL B 193 -29.10 -28.45 -31.78
N LEU B 194 -30.25 -27.79 -31.66
CA LEU B 194 -31.53 -28.20 -32.24
C LEU B 194 -31.46 -28.32 -33.77
N VAL B 195 -30.64 -27.47 -34.42
CA VAL B 195 -30.45 -27.47 -35.87
C VAL B 195 -29.78 -28.77 -36.36
N ASN B 196 -28.85 -29.32 -35.55
CA ASN B 196 -28.15 -30.58 -35.84
C ASN B 196 -28.72 -31.77 -35.06
N LYS B 197 -29.71 -31.52 -34.15
CA LYS B 197 -30.33 -32.52 -33.28
C LYS B 197 -29.24 -33.25 -32.49
N LYS B 198 -28.31 -32.49 -31.89
CA LYS B 198 -27.18 -33.00 -31.12
C LYS B 198 -27.16 -32.38 -29.71
N GLU B 199 -26.84 -33.20 -28.70
CA GLU B 199 -26.73 -32.83 -27.30
C GLU B 199 -25.25 -32.63 -26.94
N PHE B 200 -24.93 -31.75 -25.96
CA PHE B 200 -23.55 -31.50 -25.49
C PHE B 200 -23.52 -31.29 -23.96
N LYS B 201 -22.53 -31.90 -23.26
CA LYS B 201 -22.37 -31.85 -21.79
C LYS B 201 -22.42 -30.44 -21.16
N ASN B 202 -21.52 -29.56 -21.63
CA ASN B 202 -21.40 -28.18 -21.14
C ASN B 202 -20.99 -27.27 -22.30
N ASN B 203 -20.62 -26.00 -22.00
CA ASN B 203 -20.19 -25.10 -23.08
C ASN B 203 -18.86 -25.51 -23.68
N LEU B 204 -17.90 -25.96 -22.82
CA LEU B 204 -16.58 -26.43 -23.25
C LEU B 204 -16.73 -27.52 -24.30
N ALA B 205 -17.60 -28.50 -24.04
CA ALA B 205 -17.91 -29.64 -24.90
C ALA B 205 -18.33 -29.21 -26.31
N LEU B 206 -19.24 -28.22 -26.38
CA LEU B 206 -19.74 -27.65 -27.63
C LEU B 206 -18.62 -26.96 -28.43
N CYS B 207 -17.84 -26.11 -27.73
CA CYS B 207 -16.74 -25.32 -28.30
C CYS B 207 -15.61 -26.16 -28.83
N VAL B 208 -15.37 -27.34 -28.21
CA VAL B 208 -14.34 -28.26 -28.67
C VAL B 208 -14.82 -28.81 -30.01
N TYR B 209 -16.10 -29.23 -30.08
CA TYR B 209 -16.71 -29.71 -31.32
C TYR B 209 -16.70 -28.61 -32.38
N TYR B 210 -16.90 -27.35 -31.95
CA TYR B 210 -16.90 -26.19 -32.84
C TYR B 210 -15.53 -26.06 -33.53
N LEU B 211 -14.45 -25.98 -32.74
CA LEU B 211 -13.09 -25.81 -33.25
C LEU B 211 -12.70 -26.93 -34.17
N GLU B 212 -13.22 -28.13 -33.91
CA GLU B 212 -13.00 -29.31 -34.74
C GLU B 212 -13.71 -29.16 -36.11
N LYS B 213 -14.97 -28.65 -36.11
CA LYS B 213 -15.75 -28.40 -37.32
C LYS B 213 -15.19 -27.20 -38.11
N LEU B 214 -14.60 -26.20 -37.41
CA LEU B 214 -14.06 -24.98 -37.99
C LEU B 214 -12.65 -25.12 -38.57
N ILE B 215 -11.67 -25.50 -37.73
CA ILE B 215 -10.27 -25.64 -38.08
C ILE B 215 -9.96 -27.00 -38.74
N LYS B 216 -9.40 -26.98 -39.96
CA LYS B 216 -8.97 -28.17 -40.71
C LYS B 216 -7.75 -28.76 -39.98
N ASP B 217 -7.70 -30.11 -39.81
CA ASP B 217 -6.56 -30.75 -39.13
C ASP B 217 -5.36 -30.89 -40.05
N SER B 218 -4.84 -29.74 -40.45
CA SER B 218 -3.69 -29.61 -41.32
C SER B 218 -2.63 -28.90 -40.54
N LYS B 219 -1.39 -29.23 -40.80
CA LYS B 219 -0.19 -28.64 -40.23
C LYS B 219 -0.13 -27.14 -40.55
N ASP B 220 -0.90 -26.71 -41.58
CA ASP B 220 -1.02 -25.32 -42.03
C ASP B 220 -2.03 -24.51 -41.21
N SER B 221 -2.86 -25.19 -40.41
CA SER B 221 -3.84 -24.54 -39.55
C SER B 221 -3.19 -24.26 -38.20
N ILE B 222 -3.15 -22.98 -37.81
CA ILE B 222 -2.56 -22.58 -36.53
C ILE B 222 -3.63 -22.01 -35.58
N MET B 223 -3.61 -22.47 -34.32
CA MET B 223 -4.48 -21.98 -33.27
C MET B 223 -3.61 -21.32 -32.23
N ILE B 224 -3.85 -20.03 -32.02
CA ILE B 224 -3.18 -19.23 -31.02
C ILE B 224 -4.25 -18.95 -29.98
N CYS B 225 -3.93 -19.18 -28.72
CA CYS B 225 -4.90 -18.92 -27.68
C CYS B 225 -4.46 -17.83 -26.74
N ASP B 226 -5.06 -16.64 -26.90
CA ASP B 226 -4.75 -15.46 -26.12
C ASP B 226 -5.45 -15.45 -24.79
N GLY B 227 -6.78 -15.57 -24.84
CA GLY B 227 -7.60 -15.60 -23.64
C GLY B 227 -7.30 -16.87 -22.83
N PRO B 228 -6.69 -16.74 -21.62
CA PRO B 228 -6.33 -17.93 -20.82
C PRO B 228 -7.47 -18.84 -20.41
N GLY B 229 -8.67 -18.28 -20.27
CA GLY B 229 -9.87 -19.04 -19.94
C GLY B 229 -10.34 -19.93 -21.09
N SER B 230 -10.01 -19.51 -22.32
CA SER B 230 -10.35 -20.22 -23.54
C SER B 230 -9.36 -21.35 -23.83
N PHE B 231 -8.22 -21.37 -23.12
CA PHE B 231 -7.18 -22.40 -23.34
C PHE B 231 -7.68 -23.84 -23.44
N PRO B 232 -8.45 -24.39 -22.48
CA PRO B 232 -8.89 -25.80 -22.61
C PRO B 232 -9.81 -26.06 -23.78
N LYS B 233 -10.55 -25.02 -24.29
CA LYS B 233 -11.39 -25.18 -25.49
C LYS B 233 -10.47 -25.55 -26.65
N MET B 234 -9.28 -24.91 -26.71
CA MET B 234 -8.27 -25.23 -27.74
C MET B 234 -7.58 -26.56 -27.40
N PHE B 235 -7.00 -26.63 -26.20
CA PHE B 235 -6.24 -27.76 -25.70
C PHE B 235 -6.92 -29.12 -25.82
N ASN B 236 -8.26 -29.14 -25.68
CA ASN B 236 -9.03 -30.39 -25.70
C ASN B 236 -9.45 -30.91 -27.07
N THR B 237 -9.17 -30.19 -28.17
CA THR B 237 -9.54 -30.66 -29.50
C THR B 237 -8.76 -31.91 -29.90
N ASN B 238 -9.33 -32.71 -30.79
CA ASN B 238 -8.72 -33.96 -31.28
C ASN B 238 -7.63 -33.75 -32.34
N HIS B 239 -7.41 -32.48 -32.78
CA HIS B 239 -6.43 -32.11 -33.81
C HIS B 239 -5.06 -32.73 -33.58
N LYS B 240 -4.58 -33.50 -34.57
CA LYS B 240 -3.29 -34.19 -34.54
C LYS B 240 -2.20 -33.51 -35.40
N ASN B 241 -2.60 -32.66 -36.37
CA ASN B 241 -1.69 -31.94 -37.28
C ASN B 241 -1.67 -30.44 -37.06
N ALA B 242 -2.85 -29.85 -36.79
CA ALA B 242 -3.02 -28.43 -36.55
C ALA B 242 -2.19 -28.00 -35.33
N GLN B 243 -1.56 -26.84 -35.43
CA GLN B 243 -0.70 -26.29 -34.40
C GLN B 243 -1.44 -25.56 -33.29
N LYS B 244 -1.03 -25.80 -32.04
CA LYS B 244 -1.65 -25.19 -30.88
C LYS B 244 -0.64 -24.42 -30.06
N TYR B 245 -0.84 -23.09 -29.99
CA TYR B 245 0.00 -22.18 -29.22
C TYR B 245 -0.84 -21.43 -28.19
N GLY B 246 -0.20 -21.08 -27.08
CA GLY B 246 -0.80 -20.32 -25.99
C GLY B 246 0.03 -19.11 -25.66
N VAL B 247 -0.62 -17.94 -25.54
CA VAL B 247 0.10 -16.70 -25.23
C VAL B 247 -0.17 -16.22 -23.81
N ILE B 248 0.90 -15.99 -23.05
CA ILE B 248 0.80 -15.42 -21.71
C ILE B 248 1.10 -13.92 -21.83
N HIS B 249 0.10 -13.11 -21.46
CA HIS B 249 0.15 -11.67 -21.57
C HIS B 249 0.49 -10.96 -20.27
N VAL B 250 0.55 -11.71 -19.16
CA VAL B 250 0.81 -11.15 -17.83
C VAL B 250 1.84 -11.93 -17.01
N ASN B 251 2.44 -11.29 -15.98
CA ASN B 251 3.39 -11.93 -15.07
C ASN B 251 2.62 -13.08 -14.35
N HIS B 252 2.93 -14.33 -14.73
CA HIS B 252 2.32 -15.59 -14.28
C HIS B 252 2.25 -15.82 -12.76
N HIS B 253 3.05 -15.09 -11.96
CA HIS B 253 3.04 -15.18 -10.50
C HIS B 253 1.86 -14.40 -9.97
N GLU B 254 1.10 -15.03 -9.05
CA GLU B 254 -0.08 -14.45 -8.40
C GLU B 254 0.34 -13.10 -7.78
N ASN B 255 -0.37 -12.02 -8.13
CA ASN B 255 -0.04 -10.68 -7.66
C ASN B 255 -0.23 -10.51 -6.15
N PHE B 256 0.80 -9.94 -5.49
CA PHE B 256 0.91 -9.69 -4.06
C PHE B 256 0.98 -11.02 -3.33
N ASP B 257 1.94 -11.88 -3.73
CA ASP B 257 2.14 -13.22 -3.16
C ASP B 257 3.62 -13.53 -2.91
N ASP B 258 4.06 -13.35 -1.64
CA ASP B 258 5.44 -13.60 -1.22
C ASP B 258 5.70 -15.12 -1.06
N THR B 259 4.61 -15.92 -1.16
CA THR B 259 4.60 -17.40 -1.06
C THR B 259 5.09 -18.11 -2.34
N GLY B 260 5.17 -17.37 -3.44
CA GLY B 260 5.60 -17.90 -4.73
C GLY B 260 4.49 -18.71 -5.38
N ALA B 261 3.29 -18.11 -5.44
CA ALA B 261 2.10 -18.72 -6.04
C ALA B 261 1.94 -18.30 -7.49
N PHE B 262 1.28 -19.15 -8.30
CA PHE B 262 1.02 -18.90 -9.73
C PHE B 262 -0.45 -18.71 -10.04
N LYS B 263 -0.76 -17.91 -11.07
CA LYS B 263 -2.13 -17.62 -11.54
C LYS B 263 -2.70 -18.90 -12.14
N LYS B 264 -3.83 -19.39 -11.58
CA LYS B 264 -4.50 -20.65 -11.95
C LYS B 264 -4.49 -20.94 -13.44
N SER B 265 -5.18 -20.07 -14.22
CA SER B 265 -5.34 -20.17 -15.68
C SER B 265 -4.01 -20.27 -16.42
N GLU B 266 -3.05 -19.38 -16.05
CA GLU B 266 -1.69 -19.31 -16.62
C GLU B 266 -0.85 -20.52 -16.28
N LYS B 267 -0.86 -20.94 -14.98
CA LYS B 267 -0.11 -22.12 -14.48
C LYS B 267 -0.46 -23.31 -15.34
N TYR B 268 -1.77 -23.51 -15.58
CA TYR B 268 -2.27 -24.61 -16.40
C TYR B 268 -1.71 -24.61 -17.82
N ILE B 269 -1.59 -23.42 -18.44
CA ILE B 269 -1.05 -23.27 -19.79
C ILE B 269 0.44 -23.67 -19.78
N ILE B 270 1.20 -23.09 -18.84
CA ILE B 270 2.64 -23.34 -18.67
C ILE B 270 2.92 -24.82 -18.41
N GLU B 271 2.13 -25.45 -17.53
CA GLU B 271 2.26 -26.86 -17.17
C GLU B 271 2.11 -27.77 -18.38
N ASN B 272 1.20 -27.41 -19.32
CA ASN B 272 0.95 -28.19 -20.53
C ASN B 272 1.78 -27.78 -21.75
N ALA B 273 2.71 -26.81 -21.61
CA ALA B 273 3.53 -26.32 -22.74
C ALA B 273 4.18 -27.40 -23.60
N ASN B 274 4.63 -28.52 -22.98
CA ASN B 274 5.25 -29.61 -23.72
C ASN B 274 4.22 -30.44 -24.50
N LYS B 275 2.97 -30.46 -24.02
CA LYS B 275 1.87 -31.19 -24.65
C LYS B 275 1.31 -30.50 -25.91
N ILE B 276 1.65 -29.21 -26.10
CA ILE B 276 1.27 -28.39 -27.28
C ILE B 276 2.51 -27.89 -28.01
N ASN B 277 2.30 -27.13 -29.10
CA ASN B 277 3.40 -26.60 -29.91
C ASN B 277 4.28 -25.61 -29.15
N GLY B 278 3.68 -24.73 -28.38
CA GLY B 278 4.45 -23.77 -27.61
C GLY B 278 3.63 -22.80 -26.80
N VAL B 279 4.31 -22.20 -25.83
CA VAL B 279 3.75 -21.18 -24.97
C VAL B 279 4.57 -19.93 -25.20
N ILE B 280 3.90 -18.89 -25.67
CA ILE B 280 4.56 -17.64 -26.00
C ILE B 280 4.46 -16.67 -24.86
N VAL B 281 5.62 -16.13 -24.46
CA VAL B 281 5.77 -15.10 -23.42
C VAL B 281 6.31 -13.85 -24.11
N LEU B 282 5.97 -12.67 -23.58
CA LEU B 282 6.39 -11.42 -24.22
C LEU B 282 7.85 -11.00 -24.03
N THR B 283 8.41 -11.22 -22.82
CA THR B 283 9.79 -10.87 -22.45
C THR B 283 10.68 -12.09 -22.33
N GLU B 284 12.01 -11.90 -22.51
CA GLU B 284 12.97 -12.99 -22.36
C GLU B 284 13.20 -13.32 -20.90
N ALA B 285 12.93 -12.34 -20.01
CA ALA B 285 13.04 -12.45 -18.55
C ALA B 285 12.06 -13.48 -18.03
N GLN B 286 10.76 -13.36 -18.43
CA GLN B 286 9.67 -14.26 -18.07
C GLN B 286 9.93 -15.67 -18.55
N ARG B 287 10.52 -15.80 -19.76
CA ARG B 287 10.85 -17.08 -20.37
C ARG B 287 11.76 -17.89 -19.46
N LEU B 288 12.83 -17.28 -18.95
CA LEU B 288 13.79 -17.95 -18.07
C LEU B 288 13.17 -18.29 -16.74
N ASP B 289 12.37 -17.37 -16.17
CA ASP B 289 11.64 -17.56 -14.92
C ASP B 289 10.77 -18.82 -14.97
N ILE B 290 10.03 -18.99 -16.07
CA ILE B 290 9.16 -20.13 -16.31
C ILE B 290 10.00 -21.40 -16.43
N LEU B 291 11.06 -21.37 -17.27
CA LEU B 291 11.91 -22.53 -17.51
C LEU B 291 12.61 -23.04 -16.26
N ASN B 292 12.84 -22.14 -15.30
CA ASN B 292 13.49 -22.45 -14.02
C ASN B 292 12.56 -23.17 -13.06
N GLN B 293 11.35 -22.61 -12.84
CA GLN B 293 10.34 -23.12 -11.90
C GLN B 293 9.53 -24.31 -12.40
N PHE B 294 9.45 -24.51 -13.72
CA PHE B 294 8.64 -25.58 -14.29
C PHE B 294 9.47 -26.54 -15.12
N ASP B 295 9.16 -27.86 -15.01
CA ASP B 295 9.87 -28.92 -15.74
C ASP B 295 9.22 -29.10 -17.13
N VAL B 296 9.37 -28.07 -17.95
CA VAL B 296 8.80 -27.94 -19.28
C VAL B 296 9.77 -27.13 -20.14
N GLU B 297 9.81 -27.35 -21.46
CA GLU B 297 10.75 -26.60 -22.30
C GLU B 297 10.20 -25.91 -23.55
N ASN B 298 8.90 -26.05 -23.84
CA ASN B 298 8.28 -25.42 -25.00
C ASN B 298 7.86 -23.96 -24.78
N ILE B 299 8.74 -23.17 -24.14
CA ILE B 299 8.46 -21.76 -23.89
C ILE B 299 9.30 -20.89 -24.83
N PHE B 300 8.64 -19.91 -25.48
CA PHE B 300 9.27 -19.03 -26.44
C PHE B 300 8.98 -17.58 -26.18
N THR B 301 9.96 -16.71 -26.48
CA THR B 301 9.81 -15.26 -26.35
C THR B 301 9.51 -14.64 -27.71
N ILE B 302 8.31 -14.06 -27.83
CA ILE B 302 7.88 -13.32 -28.99
C ILE B 302 7.22 -12.06 -28.46
N SER B 303 7.91 -10.91 -28.61
CA SER B 303 7.40 -9.61 -28.16
C SER B 303 6.09 -9.24 -28.89
N ASN B 304 5.43 -8.19 -28.40
CA ASN B 304 4.24 -7.71 -29.09
C ASN B 304 4.70 -6.92 -30.31
N PHE B 305 3.85 -6.88 -31.35
CA PHE B 305 4.11 -6.05 -32.53
C PHE B 305 3.90 -4.61 -32.06
N VAL B 306 4.83 -3.72 -32.44
CA VAL B 306 4.78 -2.32 -32.03
C VAL B 306 4.34 -1.46 -33.21
N LYS B 307 3.32 -0.61 -32.98
CA LYS B 307 2.80 0.31 -33.99
C LYS B 307 3.65 1.58 -33.88
N ILE B 308 4.45 1.86 -34.93
CA ILE B 308 5.35 3.03 -34.93
C ILE B 308 4.68 4.22 -35.61
N HIS B 309 3.83 4.91 -34.83
CA HIS B 309 3.10 6.08 -35.26
C HIS B 309 4.07 7.28 -35.28
N ASN B 310 3.70 8.39 -35.94
CA ASN B 310 4.55 9.59 -36.02
C ASN B 310 4.61 10.34 -34.68
N ALA B 311 5.83 10.72 -34.27
CA ALA B 311 6.07 11.45 -33.02
C ALA B 311 5.44 12.87 -33.10
N PRO B 312 5.04 13.51 -31.97
CA PRO B 312 4.43 14.86 -32.05
C PRO B 312 5.28 15.94 -32.71
N LYS B 313 4.64 17.04 -33.17
CA LYS B 313 5.34 18.15 -33.84
C LYS B 313 6.44 18.75 -32.97
N HIS B 314 6.17 18.92 -31.66
CA HIS B 314 7.13 19.46 -30.72
C HIS B 314 7.04 18.86 -29.35
N PHE B 315 8.14 18.96 -28.58
CA PHE B 315 8.27 18.48 -27.21
C PHE B 315 7.46 19.37 -26.26
N GLN B 316 7.13 18.84 -25.06
CA GLN B 316 6.43 19.63 -24.04
C GLN B 316 7.50 20.25 -23.16
N THR B 317 7.54 21.59 -23.13
CA THR B 317 8.52 22.34 -22.33
C THR B 317 8.06 22.57 -20.90
N GLU B 318 6.71 22.64 -20.70
CA GLU B 318 6.08 22.82 -19.39
C GLU B 318 6.35 21.61 -18.50
N LYS B 319 6.37 21.81 -17.18
CA LYS B 319 6.62 20.74 -16.23
C LYS B 319 5.37 19.89 -16.01
N ILE B 320 5.00 19.08 -17.01
CA ILE B 320 3.83 18.19 -16.97
C ILE B 320 4.28 16.72 -17.04
N VAL B 321 4.00 15.96 -15.98
CA VAL B 321 4.34 14.53 -15.90
C VAL B 321 3.04 13.74 -16.04
N GLY B 322 3.04 12.77 -16.93
CA GLY B 322 1.85 11.97 -17.23
C GLY B 322 1.89 10.49 -16.90
N HIS B 323 0.70 9.87 -16.95
CA HIS B 323 0.44 8.47 -16.68
C HIS B 323 -0.94 8.13 -17.25
N ILE B 324 -1.00 7.11 -18.12
CA ILE B 324 -2.25 6.64 -18.73
C ILE B 324 -2.31 5.14 -18.51
N SER B 325 -3.21 4.68 -17.62
CA SER B 325 -3.41 3.26 -17.30
C SER B 325 -4.72 3.05 -16.56
N ARG B 326 -5.18 1.78 -16.50
CA ARG B 326 -6.38 1.38 -15.75
C ARG B 326 -6.09 1.58 -14.26
N MET B 327 -7.10 1.97 -13.47
CA MET B 327 -6.94 2.16 -12.03
C MET B 327 -7.19 0.83 -11.30
N VAL B 328 -6.13 0.00 -11.21
CA VAL B 328 -6.14 -1.33 -10.58
C VAL B 328 -4.96 -1.45 -9.59
N PRO B 329 -5.01 -2.37 -8.58
CA PRO B 329 -3.90 -2.48 -7.61
C PRO B 329 -2.50 -2.75 -8.17
N THR B 330 -2.40 -3.57 -9.25
CA THR B 330 -1.12 -3.89 -9.90
C THR B 330 -0.35 -2.68 -10.40
N LYS B 331 -1.08 -1.62 -10.84
CA LYS B 331 -0.51 -0.37 -11.36
C LYS B 331 0.08 0.53 -10.26
N ARG B 332 -0.31 0.29 -8.98
CA ARG B 332 0.12 1.00 -7.77
C ARG B 332 0.14 2.52 -7.88
N ILE B 333 -1.01 3.12 -8.24
CA ILE B 333 -1.20 4.57 -8.38
C ILE B 333 -1.09 5.23 -6.99
N ASP B 334 -1.31 4.44 -5.92
CA ASP B 334 -1.18 4.85 -4.53
C ASP B 334 0.26 5.33 -4.30
N LEU B 335 1.25 4.59 -4.85
CA LEU B 335 2.66 4.94 -4.79
C LEU B 335 2.94 6.20 -5.61
N LEU B 336 2.25 6.37 -6.75
CA LEU B 336 2.42 7.53 -7.64
C LEU B 336 2.10 8.85 -6.96
N ILE B 337 1.08 8.85 -6.08
CA ILE B 337 0.66 10.02 -5.30
C ILE B 337 1.75 10.36 -4.27
N GLU B 338 2.38 9.32 -3.68
CA GLU B 338 3.47 9.43 -2.71
C GLU B 338 4.74 10.03 -3.32
N VAL B 339 4.99 9.74 -4.62
CA VAL B 339 6.12 10.28 -5.39
C VAL B 339 5.77 11.72 -5.77
N ALA B 340 4.51 11.96 -6.22
CA ALA B 340 4.00 13.26 -6.59
C ALA B 340 4.14 14.28 -5.45
N GLU B 341 3.88 13.83 -4.20
CA GLU B 341 3.97 14.64 -2.99
C GLU B 341 5.44 15.03 -2.74
N LEU B 342 6.36 14.06 -2.88
CA LEU B 342 7.80 14.25 -2.70
C LEU B 342 8.38 15.23 -3.71
N VAL B 343 7.84 15.22 -4.95
CA VAL B 343 8.28 16.06 -6.07
C VAL B 343 7.80 17.51 -5.91
N VAL B 344 6.47 17.72 -5.69
CA VAL B 344 5.88 19.07 -5.55
C VAL B 344 6.42 19.94 -4.41
N LYS B 345 7.03 19.30 -3.37
CA LYS B 345 7.66 19.97 -2.24
C LYS B 345 8.95 20.67 -2.69
N LYS B 346 9.81 19.95 -3.40
CA LYS B 346 11.10 20.46 -3.90
C LYS B 346 10.95 21.44 -5.07
N ASP B 347 9.80 21.40 -5.78
CA ASP B 347 9.45 22.27 -6.91
C ASP B 347 7.92 22.31 -7.07
N ASN B 348 7.31 23.45 -6.71
CA ASN B 348 5.87 23.69 -6.75
C ASN B 348 5.27 23.64 -8.17
N ALA B 349 6.02 24.15 -9.18
CA ALA B 349 5.64 24.26 -10.60
C ALA B 349 5.05 22.99 -11.27
N VAL B 350 5.76 21.86 -11.16
CA VAL B 350 5.41 20.56 -11.76
C VAL B 350 4.00 20.02 -11.45
N LYS B 351 3.23 19.72 -12.51
CA LYS B 351 1.87 19.19 -12.45
C LYS B 351 1.79 17.74 -12.96
N PHE B 352 0.94 16.92 -12.34
CA PHE B 352 0.74 15.51 -12.67
C PHE B 352 -0.63 15.25 -13.25
N HIS B 353 -0.68 14.68 -14.47
CA HIS B 353 -1.90 14.35 -15.20
C HIS B 353 -2.09 12.83 -15.24
N ILE B 354 -3.08 12.32 -14.48
CA ILE B 354 -3.35 10.87 -14.39
C ILE B 354 -4.65 10.45 -15.07
N TYR B 355 -4.51 9.93 -16.30
CA TYR B 355 -5.61 9.43 -17.10
C TYR B 355 -5.90 7.97 -16.75
N GLY B 356 -7.19 7.63 -16.75
CA GLY B 356 -7.64 6.28 -16.45
C GLY B 356 -8.76 6.20 -15.43
N GLU B 357 -9.39 5.02 -15.38
CA GLU B 357 -10.50 4.72 -14.47
C GLU B 357 -10.52 3.26 -14.06
N GLY B 358 -11.02 3.01 -12.84
CA GLY B 358 -11.13 1.67 -12.29
C GLY B 358 -11.57 1.68 -10.84
N SER B 359 -11.25 0.59 -10.11
CA SER B 359 -11.59 0.42 -8.70
C SER B 359 -10.90 1.41 -7.76
N VAL B 360 -9.56 1.52 -7.86
CA VAL B 360 -8.76 2.41 -7.02
C VAL B 360 -8.87 3.91 -7.34
N LYS B 361 -9.74 4.29 -8.31
CA LYS B 361 -9.96 5.68 -8.71
C LYS B 361 -10.41 6.53 -7.52
N ASP B 362 -11.33 5.98 -6.71
CA ASP B 362 -11.90 6.60 -5.51
C ASP B 362 -10.86 6.78 -4.41
N LYS B 363 -10.07 5.72 -4.09
CA LYS B 363 -9.03 5.74 -3.06
C LYS B 363 -7.96 6.78 -3.37
N ILE B 364 -7.52 6.85 -4.66
CA ILE B 364 -6.51 7.80 -5.12
C ILE B 364 -7.05 9.24 -5.05
N ALA B 365 -8.33 9.45 -5.42
CA ALA B 365 -9.00 10.76 -5.38
C ALA B 365 -9.00 11.33 -3.95
N LYS B 366 -9.34 10.47 -2.95
CA LYS B 366 -9.37 10.82 -1.52
C LYS B 366 -7.94 11.02 -1.00
N MET B 367 -6.97 10.28 -1.55
CA MET B 367 -5.55 10.34 -1.20
C MET B 367 -4.91 11.69 -1.55
N ILE B 368 -5.35 12.30 -2.68
CA ILE B 368 -4.86 13.61 -3.14
C ILE B 368 -5.34 14.71 -2.18
N GLU B 369 -6.61 14.61 -1.73
CA GLU B 369 -7.24 15.54 -0.79
C GLU B 369 -6.43 15.64 0.51
N ASP B 370 -6.12 14.47 1.15
CA ASP B 370 -5.38 14.35 2.41
C ASP B 370 -3.96 14.87 2.29
N LYS B 371 -3.29 14.56 1.17
CA LYS B 371 -1.91 14.96 0.90
C LYS B 371 -1.79 16.41 0.42
N ASN B 372 -2.96 17.05 0.12
CA ASN B 372 -3.12 18.44 -0.32
C ASN B 372 -2.30 18.76 -1.57
N LEU B 373 -2.61 18.05 -2.66
CA LEU B 373 -1.97 18.16 -3.97
C LEU B 373 -3.04 18.40 -5.06
N GLU B 374 -4.15 19.07 -4.68
CA GLU B 374 -5.28 19.36 -5.57
C GLU B 374 -4.89 20.29 -6.71
N ARG B 375 -3.96 21.24 -6.44
CA ARG B 375 -3.47 22.23 -7.41
C ARG B 375 -2.31 21.69 -8.29
N ASN B 376 -1.86 20.44 -8.04
CA ASN B 376 -0.76 19.82 -8.79
C ASN B 376 -1.13 18.49 -9.46
N VAL B 377 -1.86 17.61 -8.76
CA VAL B 377 -2.27 16.30 -9.26
C VAL B 377 -3.72 16.35 -9.75
N PHE B 378 -3.94 16.09 -11.06
CA PHE B 378 -5.28 16.12 -11.67
C PHE B 378 -5.64 14.81 -12.36
N LEU B 379 -6.66 14.10 -11.84
CA LEU B 379 -7.14 12.84 -12.41
C LEU B 379 -8.00 13.11 -13.64
N LYS B 380 -7.34 13.27 -14.80
CA LYS B 380 -7.94 13.59 -16.11
C LYS B 380 -8.97 12.58 -16.66
N GLY B 381 -9.25 11.52 -15.90
CA GLY B 381 -10.22 10.48 -16.23
C GLY B 381 -9.93 9.70 -17.49
N TYR B 382 -10.92 8.92 -17.96
CA TYR B 382 -10.83 8.09 -19.16
C TYR B 382 -10.51 8.89 -20.43
N THR B 383 -9.65 8.32 -21.30
CA THR B 383 -9.27 8.90 -22.59
C THR B 383 -9.53 7.94 -23.76
N THR B 384 -9.94 8.51 -24.89
CA THR B 384 -10.24 7.79 -26.13
C THR B 384 -9.14 8.02 -27.15
N THR B 385 -8.40 9.13 -26.99
CA THR B 385 -7.29 9.55 -27.85
C THR B 385 -5.99 9.62 -26.98
N PRO B 386 -5.41 8.46 -26.55
CA PRO B 386 -4.24 8.52 -25.67
C PRO B 386 -2.96 9.04 -26.33
N GLN B 387 -2.88 8.96 -27.66
CA GLN B 387 -1.74 9.46 -28.41
C GLN B 387 -1.67 10.98 -28.35
N LYS B 388 -2.83 11.65 -28.38
CA LYS B 388 -2.94 13.12 -28.29
C LYS B 388 -2.54 13.63 -26.90
N CYS B 389 -2.73 12.79 -25.85
CA CYS B 389 -2.38 13.08 -24.45
C CYS B 389 -0.88 13.14 -24.28
N LEU B 390 -0.17 12.19 -24.93
CA LEU B 390 1.29 12.06 -24.89
C LEU B 390 2.01 13.31 -25.36
N GLU B 391 1.41 14.06 -26.30
CA GLU B 391 1.95 15.30 -26.85
C GLU B 391 2.17 16.31 -25.73
N ASP B 392 1.25 16.33 -24.74
CA ASP B 392 1.25 17.24 -23.61
C ASP B 392 2.15 16.86 -22.43
N PHE B 393 2.85 15.71 -22.50
CA PHE B 393 3.73 15.29 -21.40
C PHE B 393 5.18 15.58 -21.66
N LYS B 394 5.91 15.98 -20.61
CA LYS B 394 7.35 16.20 -20.67
C LYS B 394 8.04 14.84 -20.47
N LEU B 395 7.49 14.03 -19.52
CA LEU B 395 7.95 12.68 -19.20
C LEU B 395 6.81 11.83 -18.66
N VAL B 396 6.88 10.50 -18.87
CA VAL B 396 5.87 9.57 -18.38
C VAL B 396 6.45 8.73 -17.26
N VAL B 397 5.68 8.60 -16.17
CA VAL B 397 6.06 7.87 -14.98
C VAL B 397 5.20 6.59 -14.77
N SER B 398 5.82 5.49 -14.29
CA SER B 398 5.11 4.25 -14.02
C SER B 398 5.54 3.54 -12.72
N THR B 399 4.62 3.46 -11.78
CA THR B 399 4.80 2.85 -10.47
C THR B 399 4.45 1.35 -10.45
N SER B 400 3.84 0.85 -11.56
CA SER B 400 3.40 -0.53 -11.74
C SER B 400 4.35 -1.58 -11.15
N GLN B 401 3.82 -2.47 -10.29
CA GLN B 401 4.58 -3.53 -9.60
C GLN B 401 4.65 -4.79 -10.47
N TYR B 402 3.59 -5.04 -11.25
CA TYR B 402 3.48 -6.24 -12.09
C TYR B 402 3.09 -5.84 -13.51
N GLU B 403 3.85 -6.36 -14.49
CA GLU B 403 3.61 -6.12 -15.92
C GLU B 403 3.95 -7.35 -16.76
N GLY B 404 3.44 -7.39 -18.00
CA GLY B 404 3.71 -8.48 -18.94
C GLY B 404 4.85 -8.11 -19.88
N GLN B 405 4.91 -6.82 -20.25
CA GLN B 405 5.91 -6.22 -21.13
C GLN B 405 5.87 -4.70 -20.93
N GLY B 406 4.68 -4.13 -20.74
CA GLY B 406 4.51 -2.69 -20.54
C GLY B 406 4.53 -1.91 -21.83
N LEU B 407 3.72 -2.34 -22.82
CA LEU B 407 3.57 -1.73 -24.14
C LEU B 407 3.21 -0.25 -24.06
N SER B 408 2.47 0.13 -23.01
CA SER B 408 2.03 1.49 -22.68
C SER B 408 3.24 2.43 -22.60
N MET B 409 4.32 1.99 -21.93
CA MET B 409 5.57 2.74 -21.80
C MET B 409 6.34 2.74 -23.11
N ILE B 410 6.26 1.64 -23.88
CA ILE B 410 6.90 1.51 -25.18
C ILE B 410 6.24 2.53 -26.12
N GLU B 411 4.89 2.57 -26.11
CA GLU B 411 4.07 3.46 -26.91
C GLU B 411 4.35 4.93 -26.58
N ALA B 412 4.73 5.21 -25.32
CA ALA B 412 5.08 6.54 -24.84
C ALA B 412 6.43 6.97 -25.41
N MET B 413 7.41 6.04 -25.44
CA MET B 413 8.75 6.27 -25.95
C MET B 413 8.81 6.56 -27.45
N ILE B 414 7.83 6.00 -28.22
CA ILE B 414 7.70 6.23 -29.67
C ILE B 414 7.30 7.69 -29.89
N SER B 415 6.50 8.24 -28.97
CA SER B 415 6.09 9.64 -29.02
C SER B 415 7.18 10.58 -28.45
N LYS B 416 8.43 10.09 -28.38
CA LYS B 416 9.62 10.79 -27.89
C LYS B 416 9.50 11.31 -26.44
N ARG B 417 8.78 10.57 -25.58
CA ARG B 417 8.55 10.91 -24.17
C ARG B 417 9.34 9.92 -23.30
N PRO B 418 10.38 10.37 -22.54
CA PRO B 418 11.15 9.41 -21.74
C PRO B 418 10.36 8.82 -20.60
N VAL B 419 10.65 7.57 -20.25
CA VAL B 419 9.93 6.87 -19.18
C VAL B 419 10.78 6.73 -17.91
N VAL B 420 10.23 7.17 -16.78
CA VAL B 420 10.85 7.03 -15.46
C VAL B 420 9.94 6.05 -14.73
N ALA B 421 10.37 4.78 -14.62
CA ALA B 421 9.56 3.73 -14.03
C ALA B 421 10.33 2.75 -13.18
N PHE B 422 9.62 2.03 -12.29
CA PHE B 422 10.20 1.01 -11.41
C PHE B 422 10.59 -0.24 -12.18
N ASP B 423 11.84 -0.72 -11.96
CA ASP B 423 12.35 -1.95 -12.60
C ASP B 423 11.63 -3.14 -11.97
N ILE B 424 10.71 -3.74 -12.73
CA ILE B 424 9.87 -4.85 -12.29
C ILE B 424 9.79 -6.00 -13.32
N LYS B 425 9.08 -7.08 -12.92
CA LYS B 425 8.80 -8.25 -13.72
C LYS B 425 7.41 -8.00 -14.33
N TYR B 426 7.29 -7.83 -15.67
CA TYR B 426 8.37 -7.91 -16.67
C TYR B 426 8.28 -6.75 -17.65
N GLY B 427 9.37 -6.46 -18.35
CA GLY B 427 9.36 -5.48 -19.40
C GLY B 427 10.31 -4.30 -19.39
N PRO B 428 10.12 -3.30 -18.48
CA PRO B 428 10.97 -2.07 -18.49
C PRO B 428 12.47 -2.26 -18.75
N SER B 429 13.09 -3.23 -18.05
CA SER B 429 14.51 -3.62 -18.15
C SER B 429 15.00 -3.81 -19.60
N ASP B 430 14.11 -4.32 -20.49
CA ASP B 430 14.38 -4.61 -21.90
C ASP B 430 14.49 -3.34 -22.74
N PHE B 431 13.56 -2.37 -22.55
CA PHE B 431 13.52 -1.17 -23.36
C PHE B 431 14.01 0.15 -22.76
N ILE B 432 14.11 0.24 -21.41
CA ILE B 432 14.59 1.47 -20.76
C ILE B 432 16.09 1.36 -20.46
N GLU B 433 16.88 2.25 -21.08
CA GLU B 433 18.33 2.35 -20.87
C GLU B 433 18.54 3.45 -19.83
N ASP B 434 18.77 3.06 -18.57
CA ASP B 434 18.94 3.99 -17.44
C ASP B 434 20.02 5.02 -17.73
N ASN B 435 19.68 6.30 -17.49
CA ASN B 435 20.52 7.47 -17.73
C ASN B 435 21.00 7.56 -19.20
N LYS B 436 20.07 7.26 -20.14
CA LYS B 436 20.30 7.30 -21.58
C LYS B 436 19.03 7.66 -22.36
N ASN B 437 17.88 6.99 -22.04
CA ASN B 437 16.58 7.23 -22.68
C ASN B 437 15.40 7.29 -21.69
N GLY B 438 15.75 7.28 -20.42
CA GLY B 438 14.81 7.31 -19.31
C GLY B 438 15.46 6.74 -18.07
N TYR B 439 14.68 6.64 -16.97
CA TYR B 439 15.20 6.15 -15.71
C TYR B 439 14.55 4.88 -15.21
N LEU B 440 15.38 3.86 -15.00
CA LEU B 440 14.98 2.55 -14.49
C LEU B 440 15.27 2.51 -12.98
N ILE B 441 14.30 3.02 -12.22
CA ILE B 441 14.30 3.14 -10.76
C ILE B 441 14.23 1.78 -10.10
N GLU B 442 15.04 1.58 -9.05
CA GLU B 442 15.05 0.35 -8.23
C GLU B 442 13.67 0.30 -7.57
N ASN B 443 12.98 -0.86 -7.64
CA ASN B 443 11.63 -1.03 -7.11
C ASN B 443 11.43 -0.48 -5.69
N HIS B 444 10.25 0.17 -5.46
CA HIS B 444 9.83 0.81 -4.21
C HIS B 444 10.59 2.08 -3.81
N ASN B 445 11.75 2.36 -4.44
CA ASN B 445 12.55 3.55 -4.13
C ASN B 445 11.92 4.85 -4.65
N ILE B 446 10.86 5.29 -3.95
CA ILE B 446 10.08 6.51 -4.24
C ILE B 446 10.90 7.78 -4.12
N ASN B 447 11.98 7.76 -3.30
CA ASN B 447 12.89 8.89 -3.08
C ASN B 447 13.81 9.05 -4.28
N ASP B 448 14.28 7.93 -4.87
CA ASP B 448 15.14 7.97 -6.06
C ASP B 448 14.31 8.42 -7.25
N MET B 449 13.07 7.90 -7.39
CA MET B 449 12.14 8.25 -8.46
C MET B 449 11.79 9.74 -8.42
N ALA B 450 11.58 10.30 -7.21
CA ALA B 450 11.27 11.71 -7.00
C ALA B 450 12.40 12.58 -7.52
N ASP B 451 13.66 12.24 -7.18
CA ASP B 451 14.87 12.94 -7.58
C ASP B 451 15.10 12.94 -9.09
N LYS B 452 14.78 11.81 -9.76
CA LYS B 452 14.95 11.67 -11.20
C LYS B 452 13.89 12.38 -12.02
N ILE B 453 12.64 12.52 -11.49
CA ILE B 453 11.56 13.26 -12.14
C ILE B 453 11.94 14.74 -12.11
N LEU B 454 12.44 15.22 -10.95
CA LEU B 454 12.88 16.60 -10.75
C LEU B 454 14.04 16.95 -11.68
N GLN B 455 15.01 16.03 -11.85
CA GLN B 455 16.16 16.21 -12.74
C GLN B 455 15.66 16.46 -14.16
N LEU B 456 14.90 15.50 -14.70
CA LEU B 456 14.33 15.48 -16.04
C LEU B 456 13.29 16.56 -16.32
N VAL B 457 12.34 16.81 -15.39
CA VAL B 457 11.30 17.82 -15.59
C VAL B 457 11.83 19.27 -15.63
N ASN B 458 13.01 19.51 -15.02
CA ASN B 458 13.63 20.83 -14.99
C ASN B 458 14.52 21.11 -16.20
N ASN B 459 15.35 20.14 -16.60
CA ASN B 459 16.20 20.29 -17.78
C ASN B 459 15.47 19.96 -19.09
N ASP B 460 15.16 21.00 -19.89
CA ASP B 460 14.47 20.90 -21.19
C ASP B 460 15.36 20.25 -22.23
N VAL B 461 16.69 20.31 -22.02
CA VAL B 461 17.72 19.73 -22.88
C VAL B 461 17.66 18.21 -22.73
N LEU B 462 17.68 17.69 -21.47
CA LEU B 462 17.61 16.28 -21.13
C LEU B 462 16.32 15.64 -21.59
N ALA B 463 15.17 16.28 -21.31
CA ALA B 463 13.83 15.81 -21.68
C ALA B 463 13.68 15.57 -23.19
N ALA B 464 14.36 16.39 -24.00
CA ALA B 464 14.34 16.29 -25.45
C ALA B 464 15.35 15.25 -25.95
N GLU B 465 16.53 15.19 -25.32
CA GLU B 465 17.61 14.25 -25.68
C GLU B 465 17.25 12.81 -25.33
N PHE B 466 16.75 12.57 -24.09
CA PHE B 466 16.34 11.25 -23.60
C PHE B 466 15.11 10.73 -24.34
N GLY B 467 14.20 11.64 -24.73
CA GLY B 467 12.99 11.33 -25.46
C GLY B 467 13.26 10.87 -26.89
N SER B 468 14.21 11.54 -27.57
CA SER B 468 14.61 11.22 -28.94
C SER B 468 15.35 9.89 -28.96
N LYS B 469 16.25 9.65 -27.97
CA LYS B 469 17.03 8.42 -27.82
C LYS B 469 16.12 7.23 -27.48
N ALA B 470 14.93 7.52 -26.88
CA ALA B 470 13.90 6.55 -26.50
C ALA B 470 13.23 5.98 -27.74
N ARG B 471 12.80 6.85 -28.67
CA ARG B 471 12.18 6.43 -29.92
C ARG B 471 13.18 5.65 -30.78
N GLU B 472 14.42 6.20 -30.94
CA GLU B 472 15.50 5.59 -31.73
C GLU B 472 15.72 4.16 -31.27
N ASN B 473 15.61 3.92 -29.94
CA ASN B 473 15.78 2.62 -29.32
C ASN B 473 14.67 1.62 -29.64
N ILE B 474 13.38 2.00 -29.47
CA ILE B 474 12.21 1.15 -29.73
C ILE B 474 12.25 0.66 -31.18
N ILE B 475 12.50 1.60 -32.12
CA ILE B 475 12.61 1.37 -33.56
C ILE B 475 13.64 0.29 -33.88
N GLU B 476 14.78 0.35 -33.19
CA GLU B 476 15.86 -0.60 -33.33
C GLU B 476 15.44 -2.01 -32.90
N LYS B 477 15.09 -2.17 -31.60
CA LYS B 477 14.75 -3.45 -30.99
C LYS B 477 13.48 -4.10 -31.52
N TYR B 478 12.36 -3.34 -31.52
CA TYR B 478 11.02 -3.79 -31.88
C TYR B 478 10.60 -3.74 -33.38
N SER B 479 11.55 -4.10 -34.26
CA SER B 479 11.37 -4.16 -35.72
C SER B 479 10.35 -5.20 -36.09
N THR B 480 9.25 -4.75 -36.71
CA THR B 480 8.11 -5.57 -37.11
C THR B 480 8.50 -6.85 -37.85
N GLU B 481 9.54 -6.75 -38.69
CA GLU B 481 10.02 -7.88 -39.46
C GLU B 481 10.71 -8.93 -38.59
N SER B 482 11.43 -8.50 -37.53
CA SER B 482 12.12 -9.41 -36.61
C SER B 482 11.11 -10.22 -35.79
N ILE B 483 10.07 -9.54 -35.28
CA ILE B 483 8.98 -10.15 -34.51
C ILE B 483 8.23 -11.08 -35.43
N LEU B 484 7.89 -10.62 -36.65
CA LEU B 484 7.19 -11.46 -37.61
C LEU B 484 7.98 -12.73 -37.86
N GLU B 485 9.32 -12.60 -38.05
CA GLU B 485 10.23 -13.73 -38.26
C GLU B 485 10.14 -14.74 -37.11
N LYS B 486 10.09 -14.23 -35.85
CA LYS B 486 9.99 -15.04 -34.63
C LYS B 486 8.79 -16.00 -34.64
N TRP B 487 7.63 -15.50 -35.09
CA TRP B 487 6.40 -16.27 -35.20
C TRP B 487 6.60 -17.28 -36.29
N LEU B 488 6.93 -16.78 -37.47
CA LEU B 488 7.14 -17.56 -38.68
C LEU B 488 8.02 -18.77 -38.46
N ASN B 489 9.12 -18.58 -37.70
CA ASN B 489 10.09 -19.60 -37.33
C ASN B 489 9.44 -20.76 -36.62
N LEU B 490 8.49 -20.44 -35.73
CA LEU B 490 7.72 -21.39 -34.94
C LEU B 490 6.72 -22.17 -35.80
N PHE B 491 6.00 -21.45 -36.67
CA PHE B 491 5.00 -22.04 -37.56
C PHE B 491 5.63 -23.04 -38.53
N ASN B 492 6.79 -22.66 -39.07
CA ASN B 492 7.58 -23.47 -40.02
C ASN B 492 8.48 -24.53 -39.39
N SER B 493 8.61 -24.54 -38.04
CA SER B 493 9.39 -25.55 -37.34
C SER B 493 8.52 -26.79 -37.12
S SO4 C . 11.68 -0.50 22.21
O1 SO4 C . 11.49 0.60 21.26
O2 SO4 C . 11.73 -1.79 21.48
O3 SO4 C . 12.87 -0.32 23.03
O4 SO4 C . 10.52 -0.55 23.08
S SO4 D . -21.37 -4.44 31.65
O1 SO4 D . -21.54 -3.93 30.31
O2 SO4 D . -22.67 -4.93 32.13
O3 SO4 D . -20.88 -3.36 32.50
O4 SO4 D . -20.44 -5.54 31.67
S SO4 E . 7.42 -7.97 20.63
O1 SO4 E . 6.63 -6.87 20.08
O2 SO4 E . 8.30 -8.51 19.59
O3 SO4 E . 8.24 -7.51 21.74
O4 SO4 E . 6.51 -9.04 21.08
S SO4 F . -12.99 -0.05 28.17
O1 SO4 F . -12.74 0.76 26.96
O2 SO4 F . -14.42 -0.36 28.30
O3 SO4 F . -12.23 -1.32 28.10
O4 SO4 F . -12.56 0.73 29.33
S SO4 G . 1.21 -19.26 21.89
O1 SO4 G . 1.87 -18.99 20.64
O2 SO4 G . 0.34 -20.43 21.77
O3 SO4 G . 0.43 -18.10 22.27
O4 SO4 G . 2.20 -19.49 22.92
S SO4 H . -30.22 -16.65 24.09
O1 SO4 H . -30.89 -15.39 23.75
O2 SO4 H . -30.41 -17.61 23.01
O3 SO4 H . -28.80 -16.40 24.21
O4 SO4 H . -30.73 -17.22 25.34
S SO4 I . -23.56 5.61 13.64
O1 SO4 I . -24.62 4.60 13.77
O2 SO4 I . -23.40 5.87 12.22
O3 SO4 I . -22.32 5.06 14.19
O4 SO4 I . -23.90 6.85 14.37
S SO4 J . -22.81 -16.16 16.30
O1 SO4 J . -21.74 -17.06 15.85
O2 SO4 J . -23.92 -16.20 15.35
O3 SO4 J . -22.29 -14.80 16.34
O4 SO4 J . -23.28 -16.57 17.62
S SO4 K . -27.52 -29.83 -16.84
O1 SO4 K . -27.85 -29.07 -18.02
O2 SO4 K . -28.54 -30.85 -16.62
O3 SO4 K . -26.22 -30.47 -17.03
O4 SO4 K . -27.45 -28.92 -15.69
S SO4 L . -10.72 -15.62 -21.72
O1 SO4 L . -10.87 -14.35 -22.41
O2 SO4 L . -10.60 -16.67 -22.72
O3 SO4 L . -9.54 -15.59 -20.87
O4 SO4 L . -11.88 -15.91 -20.90
S SO4 M . -43.81 -6.45 -12.09
O1 SO4 M . -45.17 -6.06 -11.78
O2 SO4 M . -43.54 -6.16 -13.49
O3 SO4 M . -43.62 -7.88 -11.85
O4 SO4 M . -42.90 -5.70 -11.22
S SO4 N . -34.56 -6.20 -16.26
O1 SO4 N . -34.13 -5.99 -17.65
O2 SO4 N . -36.01 -6.15 -16.17
O3 SO4 N . -33.99 -5.16 -15.43
O4 SO4 N . -34.12 -7.52 -15.81
S SO4 O . -17.53 -21.64 -20.68
O1 SO4 O . -17.80 -20.41 -21.43
O2 SO4 O . -16.98 -22.66 -21.58
O3 SO4 O . -18.80 -22.13 -20.11
O4 SO4 O . -16.57 -21.35 -19.62
S SO4 P . -56.19 -16.73 -17.61
O1 SO4 P . -57.03 -16.28 -18.72
O2 SO4 P . -55.76 -18.10 -17.87
O3 SO4 P . -55.03 -15.86 -17.57
O4 SO4 P . -56.91 -16.68 -16.33
S SO4 Q . -43.42 -1.71 -32.43
O1 SO4 Q . -43.34 -0.35 -32.96
O2 SO4 Q . -43.43 -2.69 -33.52
O3 SO4 Q . -44.69 -1.89 -31.74
O4 SO4 Q . -42.29 -1.93 -31.52
S SO4 R . -49.56 -20.82 -24.28
O1 SO4 R . -50.57 -21.03 -25.31
O2 SO4 R . -48.75 -19.64 -24.60
O3 SO4 R . -48.71 -22.00 -24.19
O4 SO4 R . -50.24 -20.63 -22.99
#